data_7MID
#
_entry.id   7MID
#
loop_
_entity.id
_entity.type
_entity.pdbx_description
1 polymer 'CRISPR-associated exonuclease Cas4/endonuclease Cas1 fusion'
2 polymer 'CRISPR-associated endoribonuclease Cas2'
3 polymer "DNA (5'-D(P*CP*AP*CP*CP*AP*TP*CP*GP*TP*GP*AP*GP*GP*CP*CP*TP*CP*AP*GP*CP*TP*AP*CP*G)-3')"
4 polymer 'DNA (33-MER)'
5 non-polymer 'IRON/SULFUR CLUSTER'
6 non-polymer 'MANGANESE (II) ION'
#
loop_
_entity_poly.entity_id
_entity_poly.type
_entity_poly.pdbx_seq_one_letter_code
_entity_poly.pdbx_strand_id
1 'polypeptide(L)'
;MAETDGSIPLIPVRMLNEHVYCPRLAYLMWVQGEFSHNEFTVDGVIRHRRVDAGGGVLPSETQEDSRIHARSVSLSSERL
GITAKIDLVEGEGAYVSPVDYKRGKRPHVAGGAYEPERVQLCAQGLLLREHGFASDGGALYFVASRERVPVAFDDELIGR
TLAAIDEMGRTALSGTMPPPLEDSPKCPRCSLVGICLPDEVRFLSHLSVEPRPIIPADGRGLPLYVQSPKAYVRKDGDCL
VIEEERVRVAEARLGETSQVALFGNATLTTAALHECLRREIPVTWLSYGGWFMGHTVSTGHRNVETRTYQYQRSFDPETC
LNLARRWIVAKIANCRTLLRRNWRGEGDEAKAPPGLLMSLQDDMRHAMRAPSLEVLLGIEGASAGRYFQHFSRMLRGGDG
EGMGFDFTTRNRRPPKDPVNALLSFAYAMLTREWTVALAAVGLDPYRGFYHQPRFGRPALALDMMEPFRPLIADSTVLMA
INNGEIRTGDFVRSAGGCNLTDSARKRFIAGFERRMEQEVTHPIFKYTISYRRLLEVQARLLTRYLSGEIPAYPNFVTR
;
A,B
2 'polypeptide(L)'
;MEHLYIVSYDIRNQRRWRRLFKTMHGFGCWLQLSVFQCRLDRIRIIKMEAAINEIVNHAEDHVLILDLGPAENVKPKVSS
IGKTFDPILRQAVIV
;
C,D
3 'polydeoxyribonucleotide'
;(DC)(DA)(DC)(DC)(DA)(DT)(DC)(DG)(DT)(DG)(DA)(DG)(DG)(DC)(DC)(DT)(DC)(DA)(DG)(DC)
(DT)(DA)(DC)(DG)(DA)(DT)(DT)(DT)(DT)(DT)(DG)(DG)(DG)(DT)(DT)(DT)
;
E
4 'polydeoxyribonucleotide'
;(DG)(DT)(DC)(DG)(DT)(DA)(DG)(DC)(DT)(DG)(DA)(DG)(DG)(DC)(DC)(DT)(DC)(DA)(DC)(DG)
(DA)(DT)(DG)(DG)(DA)(DC)(DT)(DT)(DT)(DT)(DT)(DG)(DA)(DA)(DT)(DT)(DT)
;
F
#
loop_
_chem_comp.id
_chem_comp.type
_chem_comp.name
_chem_comp.formula
DA DNA linking 2'-DEOXYADENOSINE-5'-MONOPHOSPHATE 'C10 H14 N5 O6 P'
DC DNA linking 2'-DEOXYCYTIDINE-5'-MONOPHOSPHATE 'C9 H14 N3 O7 P'
DG DNA linking 2'-DEOXYGUANOSINE-5'-MONOPHOSPHATE 'C10 H14 N5 O7 P'
DT DNA linking THYMIDINE-5'-MONOPHOSPHATE 'C10 H15 N2 O8 P'
MN non-polymer 'MANGANESE (II) ION' 'Mn 2'
SF4 non-polymer 'IRON/SULFUR CLUSTER' 'Fe4 S4'
#
# COMPACT_ATOMS: atom_id res chain seq x y z
N ASP A 5 1.76 -27.16 -17.27
CA ASP A 5 2.48 -27.02 -16.02
C ASP A 5 1.93 -25.86 -15.19
N GLY A 6 2.72 -25.41 -14.22
CA GLY A 6 2.35 -24.30 -13.38
C GLY A 6 2.60 -22.96 -14.05
N SER A 7 2.56 -22.94 -15.38
CA SER A 7 2.75 -21.69 -16.10
C SER A 7 1.64 -20.70 -15.85
N ILE A 8 0.53 -21.11 -15.25
CA ILE A 8 -0.60 -20.22 -15.03
C ILE A 8 -1.50 -20.78 -13.94
N PRO A 9 -1.85 -19.99 -12.93
CA PRO A 9 -2.79 -20.46 -11.92
C PRO A 9 -4.21 -20.49 -12.47
N LEU A 10 -5.12 -20.98 -11.64
CA LEU A 10 -6.52 -20.97 -12.02
C LEU A 10 -7.02 -19.54 -12.10
N ILE A 11 -7.73 -19.24 -13.19
CA ILE A 11 -8.24 -17.89 -13.41
C ILE A 11 -9.36 -17.59 -12.44
N PRO A 12 -9.23 -16.61 -11.56
CA PRO A 12 -10.37 -16.19 -10.75
C PRO A 12 -11.46 -15.64 -11.65
N VAL A 13 -12.71 -15.99 -11.35
CA VAL A 13 -13.76 -15.61 -12.28
C VAL A 13 -14.03 -14.13 -12.25
N ARG A 14 -13.58 -13.40 -11.22
CA ARG A 14 -13.68 -11.96 -11.29
C ARG A 14 -12.68 -11.40 -12.30
N MET A 15 -11.50 -12.02 -12.41
CA MET A 15 -10.63 -11.64 -13.51
C MET A 15 -11.23 -12.04 -14.85
N LEU A 16 -12.05 -13.08 -14.87
CA LEU A 16 -12.77 -13.38 -16.10
C LEU A 16 -13.79 -12.30 -16.41
N ASN A 17 -14.42 -11.75 -15.37
CA ASN A 17 -15.31 -10.62 -15.54
C ASN A 17 -14.56 -9.42 -16.08
N GLU A 18 -13.35 -9.19 -15.58
CA GLU A 18 -12.60 -8.02 -16.01
C GLU A 18 -12.05 -8.18 -17.42
N HIS A 19 -11.67 -9.39 -17.80
CA HIS A 19 -11.04 -9.56 -19.11
C HIS A 19 -11.99 -9.21 -20.23
N VAL A 20 -13.25 -9.62 -20.13
CA VAL A 20 -14.20 -9.27 -21.18
C VAL A 20 -14.56 -7.81 -21.15
N TYR A 21 -14.12 -7.08 -20.12
CA TYR A 21 -14.32 -5.64 -20.05
C TYR A 21 -13.17 -4.88 -20.69
N CYS A 22 -11.93 -5.17 -20.29
CA CYS A 22 -10.74 -4.55 -20.86
C CYS A 22 -9.58 -5.50 -20.66
N PRO A 23 -9.09 -6.16 -21.70
CA PRO A 23 -8.03 -7.16 -21.50
C PRO A 23 -6.81 -6.62 -20.77
N ARG A 24 -6.45 -5.36 -21.03
CA ARG A 24 -5.36 -4.75 -20.27
C ARG A 24 -5.70 -4.68 -18.80
N LEU A 25 -6.97 -4.42 -18.47
CA LEU A 25 -7.36 -4.37 -17.07
C LEU A 25 -7.18 -5.72 -16.40
N ALA A 26 -7.57 -6.79 -17.08
CA ALA A 26 -7.36 -8.11 -16.50
C ALA A 26 -5.88 -8.40 -16.34
N TYR A 27 -5.08 -8.03 -17.33
CA TYR A 27 -3.65 -8.25 -17.21
C TYR A 27 -3.08 -7.52 -16.01
N LEU A 28 -3.41 -6.24 -15.86
CA LEU A 28 -2.91 -5.49 -14.72
C LEU A 28 -3.36 -6.12 -13.41
N MET A 29 -4.66 -6.37 -13.26
CA MET A 29 -5.16 -6.78 -11.97
C MET A 29 -4.76 -8.20 -11.60
N TRP A 30 -4.52 -9.06 -12.58
CA TRP A 30 -4.26 -10.45 -12.28
C TRP A 30 -2.79 -10.82 -12.37
N VAL A 31 -2.12 -10.42 -13.44
CA VAL A 31 -0.73 -10.81 -13.63
C VAL A 31 0.25 -9.88 -12.91
N GLN A 32 -0.22 -8.75 -12.41
CA GLN A 32 0.71 -7.86 -11.71
C GLN A 32 0.13 -7.27 -10.43
N GLY A 33 -0.86 -7.88 -9.82
CA GLY A 33 -1.48 -7.21 -8.69
C GLY A 33 -2.04 -5.88 -9.14
N GLU A 34 -1.44 -4.79 -8.71
CA GLU A 34 -1.74 -3.45 -9.22
C GLU A 34 -3.24 -3.17 -9.18
N PHE A 35 -3.77 -3.05 -7.98
CA PHE A 35 -5.12 -2.59 -7.78
C PHE A 35 -5.13 -1.22 -7.12
N SER A 36 -6.17 -0.45 -7.39
CA SER A 36 -6.37 0.84 -6.74
C SER A 36 -7.86 1.11 -6.66
N HIS A 37 -8.25 1.89 -5.67
CA HIS A 37 -9.65 2.12 -5.38
C HIS A 37 -10.10 3.46 -5.93
N ASN A 38 -11.41 3.60 -6.10
CA ASN A 38 -12.02 4.88 -6.43
C ASN A 38 -13.38 4.91 -5.73
N GLU A 39 -14.21 5.87 -6.13
CA GLU A 39 -15.58 5.92 -5.66
C GLU A 39 -16.22 4.54 -5.69
N PHE A 40 -16.23 3.91 -6.86
CA PHE A 40 -17.10 2.78 -7.10
C PHE A 40 -16.58 1.46 -6.53
N THR A 41 -15.28 1.20 -6.56
CA THR A 41 -14.80 -0.02 -5.94
C THR A 41 -15.05 0.00 -4.44
N VAL A 42 -14.80 1.15 -3.80
CA VAL A 42 -15.07 1.27 -2.38
C VAL A 42 -16.56 1.09 -2.12
N ASP A 43 -17.41 1.72 -2.93
CA ASP A 43 -18.85 1.58 -2.72
C ASP A 43 -19.30 0.14 -2.89
N GLY A 44 -18.76 -0.56 -3.88
CA GLY A 44 -19.14 -1.95 -4.07
C GLY A 44 -18.71 -2.83 -2.91
N VAL A 45 -17.50 -2.61 -2.41
CA VAL A 45 -17.06 -3.35 -1.24
C VAL A 45 -17.99 -3.08 -0.07
N ILE A 46 -18.41 -1.83 0.09
CA ILE A 46 -19.32 -1.48 1.20
C ILE A 46 -20.63 -2.23 1.06
N ARG A 47 -21.19 -2.27 -0.15
CA ARG A 47 -22.39 -3.08 -0.38
C ARG A 47 -22.18 -4.54 0.00
N HIS A 48 -21.13 -5.15 -0.52
CA HIS A 48 -20.99 -6.59 -0.34
C HIS A 48 -20.69 -6.95 1.10
N ARG A 49 -20.02 -6.07 1.83
CA ARG A 49 -19.41 -6.45 3.10
C ARG A 49 -20.48 -6.79 4.14
N ARG A 50 -21.47 -5.92 4.30
CA ARG A 50 -22.37 -6.05 5.45
C ARG A 50 -23.19 -7.33 5.40
N VAL A 51 -23.26 -8.00 4.27
CA VAL A 51 -24.08 -9.20 4.20
C VAL A 51 -23.29 -10.40 3.71
N ASP A 52 -22.66 -10.31 2.55
CA ASP A 52 -22.11 -11.49 1.91
C ASP A 52 -20.68 -11.79 2.31
N ALA A 53 -20.01 -10.90 3.03
CA ALA A 53 -18.72 -11.26 3.59
C ALA A 53 -18.88 -12.37 4.63
N GLY A 54 -19.93 -12.27 5.45
CA GLY A 54 -20.20 -13.33 6.42
C GLY A 54 -20.86 -14.52 5.75
N GLY A 55 -20.42 -15.71 6.16
CA GLY A 55 -20.92 -16.93 5.56
C GLY A 55 -22.34 -17.25 5.97
N GLY A 56 -22.85 -18.33 5.39
CA GLY A 56 -24.20 -18.79 5.65
C GLY A 56 -24.27 -20.30 5.58
N VAL A 57 -25.35 -20.80 5.00
CA VAL A 57 -25.56 -22.24 4.91
C VAL A 57 -24.55 -22.83 3.92
N LEU A 58 -24.26 -24.12 4.08
CA LEU A 58 -23.42 -24.85 3.14
C LEU A 58 -24.24 -25.42 1.98
N PRO A 59 -23.67 -25.48 0.78
CA PRO A 59 -24.30 -26.27 -0.27
C PRO A 59 -24.23 -27.74 0.07
N SER A 60 -25.37 -28.35 0.36
CA SER A 60 -25.38 -29.72 0.81
C SER A 60 -24.75 -30.64 -0.22
N GLU A 61 -23.87 -31.54 0.25
CA GLU A 61 -23.33 -32.56 -0.63
C GLU A 61 -24.42 -33.52 -1.08
N THR A 62 -25.22 -34.00 -0.13
CA THR A 62 -26.36 -34.86 -0.41
C THR A 62 -27.60 -34.00 -0.45
N GLN A 63 -28.12 -33.76 -1.65
CA GLN A 63 -29.26 -32.88 -1.87
C GLN A 63 -30.45 -33.71 -2.31
N GLU A 64 -31.51 -33.73 -1.50
CA GLU A 64 -32.74 -34.39 -1.89
C GLU A 64 -33.90 -33.40 -2.06
N ASP A 65 -34.30 -32.71 -0.99
CA ASP A 65 -35.37 -31.71 -1.07
C ASP A 65 -35.23 -30.80 0.15
N SER A 66 -34.66 -29.62 -0.05
CA SER A 66 -34.61 -28.57 0.96
C SER A 66 -34.03 -27.33 0.33
N ARG A 67 -34.43 -26.17 0.84
CA ARG A 67 -33.97 -24.90 0.31
C ARG A 67 -32.47 -24.77 0.52
N ILE A 68 -31.76 -24.38 -0.54
CA ILE A 68 -30.33 -24.10 -0.48
C ILE A 68 -30.17 -22.59 -0.53
N HIS A 69 -29.60 -22.01 0.52
CA HIS A 69 -29.38 -20.57 0.58
C HIS A 69 -27.97 -20.28 1.03
N ALA A 70 -27.00 -20.91 0.39
CA ALA A 70 -25.61 -20.70 0.73
C ALA A 70 -25.15 -19.30 0.32
N ARG A 71 -24.14 -18.80 1.03
CA ARG A 71 -23.62 -17.46 0.79
C ARG A 71 -22.10 -17.47 0.87
N SER A 72 -21.46 -16.78 -0.07
CA SER A 72 -20.00 -16.75 -0.18
C SER A 72 -19.42 -18.15 -0.25
N VAL A 73 -19.76 -18.82 -1.34
CA VAL A 73 -19.41 -20.22 -1.54
C VAL A 73 -18.22 -20.28 -2.47
N SER A 74 -17.15 -20.95 -2.05
CA SER A 74 -15.90 -20.97 -2.80
C SER A 74 -15.77 -22.31 -3.51
N LEU A 75 -15.85 -22.28 -4.84
CA LEU A 75 -15.65 -23.46 -5.66
C LEU A 75 -14.43 -23.25 -6.54
N SER A 76 -13.99 -24.33 -7.17
CA SER A 76 -13.09 -24.21 -8.31
C SER A 76 -13.10 -25.53 -9.04
N SER A 77 -12.91 -25.46 -10.34
CA SER A 77 -12.66 -26.64 -11.14
C SER A 77 -11.36 -26.43 -11.89
N GLU A 78 -10.56 -27.48 -11.95
CA GLU A 78 -9.27 -27.37 -12.60
C GLU A 78 -9.28 -28.00 -13.99
N ARG A 79 -10.32 -28.75 -14.33
CA ARG A 79 -10.57 -29.07 -15.74
C ARG A 79 -10.94 -27.81 -16.50
N LEU A 80 -11.85 -27.00 -15.96
CA LEU A 80 -12.18 -25.72 -16.59
C LEU A 80 -11.00 -24.76 -16.52
N GLY A 81 -10.39 -24.65 -15.36
CA GLY A 81 -9.33 -23.69 -15.15
C GLY A 81 -9.75 -22.42 -14.46
N ILE A 82 -10.85 -22.42 -13.71
CA ILE A 82 -11.32 -21.20 -13.05
C ILE A 82 -11.57 -21.48 -11.58
N THR A 83 -11.58 -20.40 -10.81
CA THR A 83 -11.86 -20.43 -9.38
C THR A 83 -12.81 -19.30 -9.07
N ALA A 84 -13.77 -19.55 -8.17
CA ALA A 84 -14.78 -18.55 -7.91
C ALA A 84 -15.15 -18.56 -6.44
N LYS A 85 -15.78 -17.46 -6.01
CA LYS A 85 -16.33 -17.33 -4.67
C LYS A 85 -17.70 -16.71 -4.85
N ILE A 86 -18.71 -17.56 -5.04
CA ILE A 86 -20.02 -17.10 -5.48
C ILE A 86 -20.69 -16.28 -4.40
N ASP A 87 -21.25 -15.13 -4.77
CA ASP A 87 -21.88 -14.26 -3.78
C ASP A 87 -23.03 -14.96 -3.08
N LEU A 88 -23.88 -15.66 -3.82
CA LEU A 88 -24.95 -16.41 -3.17
C LEU A 88 -25.41 -17.50 -4.12
N VAL A 89 -26.04 -18.54 -3.57
CA VAL A 89 -26.52 -19.67 -4.35
C VAL A 89 -27.93 -20.00 -3.88
N GLU A 90 -28.91 -19.76 -4.74
CA GLU A 90 -30.31 -20.06 -4.42
C GLU A 90 -30.72 -21.32 -5.16
N GLY A 91 -31.11 -22.35 -4.43
CA GLY A 91 -31.49 -23.58 -5.09
C GLY A 91 -32.55 -24.38 -4.35
N GLU A 92 -33.50 -24.92 -5.09
CA GLU A 92 -34.54 -25.78 -4.53
C GLU A 92 -34.12 -27.23 -4.73
N GLY A 93 -33.55 -27.83 -3.69
CA GLY A 93 -33.23 -29.24 -3.72
C GLY A 93 -32.01 -29.56 -4.57
N ALA A 94 -32.16 -29.55 -5.89
CA ALA A 94 -31.05 -29.93 -6.76
C ALA A 94 -30.95 -29.02 -7.98
N TYR A 95 -31.68 -27.91 -8.00
CA TYR A 95 -31.63 -26.94 -9.08
C TYR A 95 -31.19 -25.62 -8.47
N VAL A 96 -29.90 -25.34 -8.54
CA VAL A 96 -29.33 -24.19 -7.90
C VAL A 96 -29.15 -23.08 -8.93
N SER A 97 -28.83 -21.89 -8.45
CA SER A 97 -28.65 -20.76 -9.34
C SER A 97 -27.76 -19.71 -8.68
N PRO A 98 -26.64 -19.35 -9.32
CA PRO A 98 -25.78 -18.31 -8.76
C PRO A 98 -26.51 -16.97 -8.70
N VAL A 99 -26.18 -16.19 -7.69
CA VAL A 99 -26.69 -14.83 -7.55
C VAL A 99 -25.51 -13.94 -7.22
N ASP A 100 -25.26 -12.95 -8.08
CA ASP A 100 -24.17 -12.02 -7.89
C ASP A 100 -24.74 -10.66 -7.54
N TYR A 101 -24.21 -10.05 -6.48
CA TYR A 101 -24.65 -8.72 -6.09
C TYR A 101 -23.86 -7.67 -6.85
N LYS A 102 -24.52 -6.57 -7.14
CA LYS A 102 -23.88 -5.43 -7.79
C LYS A 102 -24.08 -4.21 -6.90
N ARG A 103 -23.81 -3.02 -7.41
CA ARG A 103 -23.90 -1.85 -6.55
C ARG A 103 -24.94 -0.83 -7.01
N GLY A 104 -25.13 -0.66 -8.31
CA GLY A 104 -25.87 0.47 -8.83
C GLY A 104 -27.28 0.13 -9.25
N LYS A 105 -27.85 1.01 -10.08
CA LYS A 105 -29.18 0.80 -10.62
C LYS A 105 -29.12 -0.28 -11.70
N ARG A 106 -30.28 -0.69 -12.18
CA ARG A 106 -30.33 -1.53 -13.35
C ARG A 106 -29.75 -0.74 -14.53
N PRO A 107 -28.84 -1.32 -15.29
CA PRO A 107 -28.27 -0.59 -16.44
C PRO A 107 -29.30 -0.42 -17.55
N HIS A 108 -29.02 0.52 -18.43
CA HIS A 108 -29.96 0.87 -19.50
C HIS A 108 -29.57 0.15 -20.79
N VAL A 109 -29.58 -1.19 -20.73
CA VAL A 109 -29.17 -2.01 -21.86
C VAL A 109 -30.18 -3.14 -22.04
N ALA A 110 -30.21 -3.69 -23.25
CA ALA A 110 -31.10 -4.80 -23.54
C ALA A 110 -30.71 -6.00 -22.70
N GLY A 111 -31.67 -6.51 -21.93
CA GLY A 111 -31.41 -7.59 -21.01
C GLY A 111 -31.00 -7.15 -19.63
N GLY A 112 -30.73 -5.86 -19.44
CA GLY A 112 -30.46 -5.35 -18.11
C GLY A 112 -29.15 -5.78 -17.50
N ALA A 113 -28.25 -6.40 -18.26
CA ALA A 113 -26.97 -6.85 -17.73
C ALA A 113 -25.92 -6.70 -18.81
N TYR A 114 -24.82 -6.04 -18.49
CA TYR A 114 -23.78 -5.80 -19.48
C TYR A 114 -23.06 -7.10 -19.81
N GLU A 115 -22.28 -7.05 -20.88
CA GLU A 115 -21.55 -8.24 -21.31
C GLU A 115 -20.67 -8.85 -20.23
N PRO A 116 -19.91 -8.09 -19.44
CA PRO A 116 -19.04 -8.73 -18.46
C PRO A 116 -19.75 -9.56 -17.40
N GLU A 117 -20.66 -8.95 -16.63
CA GLU A 117 -21.30 -9.69 -15.56
C GLU A 117 -22.05 -10.91 -16.07
N ARG A 118 -22.59 -10.84 -17.29
CA ARG A 118 -23.22 -12.03 -17.84
C ARG A 118 -22.21 -13.16 -17.96
N VAL A 119 -20.98 -12.84 -18.39
CA VAL A 119 -19.95 -13.85 -18.51
C VAL A 119 -19.53 -14.38 -17.14
N GLN A 120 -19.45 -13.49 -16.15
CA GLN A 120 -19.11 -13.95 -14.81
C GLN A 120 -20.16 -14.92 -14.28
N LEU A 121 -21.44 -14.60 -14.47
CA LEU A 121 -22.51 -15.46 -13.99
C LEU A 121 -22.51 -16.79 -14.74
N CYS A 122 -22.24 -16.77 -16.05
CA CYS A 122 -22.17 -18.02 -16.77
C CYS A 122 -20.99 -18.87 -16.30
N ALA A 123 -19.85 -18.24 -15.98
CA ALA A 123 -18.72 -19.00 -15.50
C ALA A 123 -19.03 -19.66 -14.16
N GLN A 124 -19.63 -18.91 -13.24
CA GLN A 124 -20.03 -19.50 -11.98
C GLN A 124 -21.06 -20.60 -12.21
N GLY A 125 -21.93 -20.44 -13.20
CA GLY A 125 -22.87 -21.48 -13.52
C GLY A 125 -22.20 -22.76 -13.98
N LEU A 126 -21.18 -22.63 -14.84
CA LEU A 126 -20.45 -23.82 -15.25
C LEU A 126 -19.77 -24.47 -14.06
N LEU A 127 -19.22 -23.67 -13.16
CA LEU A 127 -18.59 -24.24 -11.98
C LEU A 127 -19.58 -25.02 -11.14
N LEU A 128 -20.78 -24.47 -10.96
CA LEU A 128 -21.80 -25.20 -10.22
C LEU A 128 -22.19 -26.49 -10.94
N ARG A 129 -22.31 -26.43 -12.26
CA ARG A 129 -22.60 -27.64 -13.02
C ARG A 129 -21.51 -28.68 -12.82
N GLU A 130 -20.27 -28.25 -12.63
CA GLU A 130 -19.17 -29.19 -12.48
C GLU A 130 -19.33 -30.03 -11.23
N HIS A 131 -19.78 -29.42 -10.14
CA HIS A 131 -19.89 -30.10 -8.85
C HIS A 131 -21.19 -30.85 -8.70
N GLY A 132 -21.86 -31.19 -9.80
CA GLY A 132 -23.08 -31.96 -9.71
C GLY A 132 -24.28 -31.14 -9.30
N PHE A 133 -24.66 -30.18 -10.14
CA PHE A 133 -25.85 -29.37 -9.92
C PHE A 133 -26.45 -29.02 -11.27
N ALA A 134 -27.71 -28.61 -11.25
CA ALA A 134 -28.41 -28.20 -12.47
C ALA A 134 -28.76 -26.73 -12.31
N SER A 135 -28.02 -25.86 -12.98
CA SER A 135 -28.19 -24.42 -12.80
C SER A 135 -29.04 -23.79 -13.91
N ASP A 136 -28.56 -23.85 -15.14
CA ASP A 136 -29.29 -23.32 -16.30
C ASP A 136 -29.87 -21.94 -16.05
N GLY A 137 -29.19 -21.10 -15.27
CA GLY A 137 -29.68 -19.78 -15.00
C GLY A 137 -28.93 -19.13 -13.86
N GLY A 138 -29.16 -17.83 -13.72
CA GLY A 138 -28.56 -17.05 -12.67
C GLY A 138 -29.28 -15.74 -12.52
N ALA A 139 -28.75 -14.87 -11.67
CA ALA A 139 -29.41 -13.61 -11.41
C ALA A 139 -28.36 -12.58 -11.04
N LEU A 140 -28.75 -11.30 -11.15
CA LEU A 140 -27.94 -10.19 -10.67
C LEU A 140 -28.81 -9.40 -9.71
N TYR A 141 -28.42 -9.37 -8.44
CA TYR A 141 -29.21 -8.72 -7.41
C TYR A 141 -28.58 -7.37 -7.11
N PHE A 142 -29.05 -6.33 -7.78
CA PHE A 142 -28.55 -4.99 -7.52
C PHE A 142 -28.94 -4.52 -6.14
N VAL A 143 -27.97 -4.26 -5.27
CA VAL A 143 -28.30 -3.98 -3.88
C VAL A 143 -29.10 -2.69 -3.75
N ALA A 144 -28.84 -1.71 -4.62
CA ALA A 144 -29.47 -0.40 -4.46
C ALA A 144 -30.98 -0.46 -4.66
N SER A 145 -31.45 -1.15 -5.71
CA SER A 145 -32.88 -1.29 -5.88
C SER A 145 -33.33 -2.73 -5.67
N ARG A 146 -32.44 -3.66 -5.33
CA ARG A 146 -32.81 -5.07 -5.17
C ARG A 146 -33.80 -5.53 -6.22
N GLU A 147 -33.48 -5.16 -7.44
CA GLU A 147 -34.21 -5.54 -8.63
C GLU A 147 -33.47 -6.72 -9.27
N ARG A 148 -33.77 -7.92 -8.79
CA ARG A 148 -33.14 -9.12 -9.33
C ARG A 148 -33.36 -9.22 -10.83
N VAL A 149 -32.26 -9.24 -11.58
CA VAL A 149 -32.33 -9.35 -13.03
C VAL A 149 -31.87 -10.75 -13.44
N PRO A 150 -32.78 -11.61 -13.89
CA PRO A 150 -32.37 -12.96 -14.28
C PRO A 150 -31.46 -12.95 -15.50
N VAL A 151 -30.64 -13.98 -15.60
CA VAL A 151 -29.78 -14.23 -16.76
C VAL A 151 -29.90 -15.70 -17.10
N ALA A 152 -30.13 -16.00 -18.38
CA ALA A 152 -30.24 -17.38 -18.83
C ALA A 152 -28.97 -17.77 -19.56
N PHE A 153 -28.45 -18.95 -19.25
CA PHE A 153 -27.18 -19.42 -19.83
C PHE A 153 -27.44 -19.88 -21.25
N ASP A 154 -27.64 -18.90 -22.13
CA ASP A 154 -27.73 -19.17 -23.55
C ASP A 154 -26.45 -19.85 -24.04
N ASP A 155 -26.54 -20.50 -25.18
CA ASP A 155 -25.44 -21.36 -25.61
C ASP A 155 -24.21 -20.55 -25.99
N GLU A 156 -24.37 -19.52 -26.81
CA GLU A 156 -23.19 -18.77 -27.21
C GLU A 156 -22.71 -17.86 -26.08
N LEU A 157 -23.50 -17.70 -25.02
CA LEU A 157 -22.96 -17.14 -23.78
C LEU A 157 -21.88 -18.05 -23.22
N ILE A 158 -22.14 -19.36 -23.18
CA ILE A 158 -21.10 -20.30 -22.77
C ILE A 158 -19.96 -20.29 -23.77
N GLY A 159 -20.26 -20.12 -25.05
CA GLY A 159 -19.19 -19.97 -26.02
C GLY A 159 -18.29 -18.79 -25.71
N ARG A 160 -18.91 -17.65 -25.38
CA ARG A 160 -18.14 -16.47 -24.98
C ARG A 160 -17.29 -16.77 -23.76
N THR A 161 -17.87 -17.45 -22.77
CA THR A 161 -17.14 -17.69 -21.53
C THR A 161 -15.91 -18.56 -21.77
N LEU A 162 -16.07 -19.65 -22.50
CA LEU A 162 -14.91 -20.51 -22.74
C LEU A 162 -13.90 -19.82 -23.64
N ALA A 163 -14.37 -19.04 -24.62
CA ALA A 163 -13.45 -18.28 -25.44
C ALA A 163 -12.64 -17.32 -24.58
N ALA A 164 -13.29 -16.65 -23.64
CA ALA A 164 -12.59 -15.71 -22.77
C ALA A 164 -11.60 -16.43 -21.87
N ILE A 165 -11.94 -17.62 -21.40
CA ILE A 165 -10.97 -18.38 -20.61
C ILE A 165 -9.72 -18.65 -21.44
N ASP A 166 -9.91 -19.13 -22.66
CA ASP A 166 -8.75 -19.40 -23.50
C ASP A 166 -7.97 -18.13 -23.81
N GLU A 167 -8.68 -17.05 -24.10
CA GLU A 167 -8.01 -15.80 -24.45
C GLU A 167 -7.18 -15.30 -23.29
N MET A 168 -7.72 -15.33 -22.07
CA MET A 168 -6.95 -14.88 -20.92
C MET A 168 -5.75 -15.77 -20.69
N GLY A 169 -5.93 -17.08 -20.85
CA GLY A 169 -4.79 -17.96 -20.70
C GLY A 169 -3.66 -17.61 -21.66
N ARG A 170 -4.01 -17.42 -22.92
CA ARG A 170 -2.97 -17.12 -23.90
C ARG A 170 -2.33 -15.78 -23.64
N THR A 171 -3.11 -14.75 -23.34
CA THR A 171 -2.53 -13.44 -23.13
C THR A 171 -1.69 -13.40 -21.87
N ALA A 172 -1.97 -14.24 -20.88
CA ALA A 172 -1.10 -14.29 -19.72
C ALA A 172 0.18 -15.05 -20.03
N LEU A 173 0.10 -16.15 -20.77
CA LEU A 173 1.31 -16.90 -21.06
C LEU A 173 2.23 -16.14 -22.01
N SER A 174 1.68 -15.28 -22.87
CA SER A 174 2.52 -14.57 -23.82
C SER A 174 3.49 -13.64 -23.12
N GLY A 175 3.02 -12.93 -22.10
CA GLY A 175 3.87 -12.00 -21.38
C GLY A 175 3.90 -10.60 -21.94
N THR A 176 2.98 -10.24 -22.81
CA THR A 176 2.91 -8.90 -23.38
C THR A 176 1.57 -8.28 -23.00
N MET A 177 1.63 -7.17 -22.31
CA MET A 177 0.42 -6.52 -21.84
C MET A 177 -0.35 -5.96 -23.01
N PRO A 178 -1.64 -6.30 -23.16
CA PRO A 178 -2.38 -5.85 -24.32
C PRO A 178 -2.54 -4.35 -24.32
N PRO A 179 -2.71 -3.73 -25.50
CA PRO A 179 -2.75 -2.28 -25.58
C PRO A 179 -3.99 -1.73 -24.89
N PRO A 180 -4.01 -0.44 -24.59
CA PRO A 180 -5.20 0.15 -23.97
C PRO A 180 -6.35 0.21 -24.95
N LEU A 181 -7.53 0.43 -24.41
CA LEU A 181 -8.70 0.63 -25.24
C LEU A 181 -8.56 1.91 -26.03
N GLU A 182 -9.20 1.95 -27.19
CA GLU A 182 -9.05 3.10 -28.10
C GLU A 182 -10.04 4.18 -27.71
N ASP A 183 -9.60 5.12 -26.89
CA ASP A 183 -10.36 6.33 -26.60
C ASP A 183 -11.74 5.99 -26.05
N SER A 184 -11.79 4.93 -25.26
CA SER A 184 -13.06 4.39 -24.80
C SER A 184 -13.66 5.25 -23.71
N PRO A 185 -14.98 5.14 -23.48
CA PRO A 185 -15.57 5.71 -22.28
C PRO A 185 -15.47 4.81 -21.06
N LYS A 186 -15.02 3.57 -21.21
CA LYS A 186 -14.78 2.73 -20.05
C LYS A 186 -13.66 3.29 -19.19
N CYS A 187 -12.58 3.71 -19.83
CA CYS A 187 -11.35 4.04 -19.11
C CYS A 187 -11.50 5.14 -18.06
N PRO A 188 -12.25 6.22 -18.28
CA PRO A 188 -12.27 7.29 -17.28
C PRO A 188 -12.80 6.89 -15.91
N ARG A 189 -13.14 5.63 -15.70
CA ARG A 189 -13.59 5.21 -14.37
C ARG A 189 -13.08 3.85 -13.96
N CYS A 190 -12.08 3.29 -14.64
CA CYS A 190 -11.68 1.92 -14.39
C CYS A 190 -10.82 1.77 -13.16
N SER A 191 -10.65 2.82 -12.36
CA SER A 191 -9.98 2.75 -11.07
C SER A 191 -8.53 2.31 -11.19
N LEU A 192 -8.06 2.05 -12.41
CA LEU A 192 -6.65 1.87 -12.68
C LEU A 192 -6.18 2.84 -13.73
N VAL A 193 -7.03 3.78 -14.14
CA VAL A 193 -6.65 4.74 -15.15
C VAL A 193 -5.42 5.51 -14.71
N GLY A 194 -5.19 5.61 -13.41
CA GLY A 194 -3.94 6.18 -12.92
C GLY A 194 -2.76 5.24 -13.06
N ILE A 195 -2.99 3.98 -13.40
CA ILE A 195 -1.93 3.01 -13.60
C ILE A 195 -1.89 2.52 -15.04
N CYS A 196 -3.05 2.36 -15.67
CA CYS A 196 -3.06 2.03 -17.09
C CYS A 196 -2.41 3.13 -17.90
N LEU A 197 -2.69 4.38 -17.53
CA LEU A 197 -2.26 5.54 -18.30
C LEU A 197 -2.66 5.35 -19.76
N PRO A 198 -3.94 5.28 -20.05
CA PRO A 198 -4.36 4.88 -21.38
C PRO A 198 -3.95 5.89 -22.44
N ASP A 199 -4.35 7.14 -22.27
CA ASP A 199 -4.12 8.13 -23.31
C ASP A 199 -2.64 8.44 -23.46
N GLU A 200 -1.90 8.45 -22.36
CA GLU A 200 -0.47 8.72 -22.46
C GLU A 200 0.23 7.63 -23.23
N VAL A 201 -0.05 6.36 -22.93
CA VAL A 201 0.61 5.28 -23.65
C VAL A 201 0.17 5.27 -25.10
N ARG A 202 -1.10 5.55 -25.36
CA ARG A 202 -1.55 5.68 -26.74
C ARG A 202 -0.75 6.73 -27.48
N PHE A 203 -0.64 7.92 -26.90
CA PHE A 203 0.02 9.02 -27.59
C PHE A 203 1.50 8.75 -27.81
N LEU A 204 2.21 8.24 -26.80
CA LEU A 204 3.64 8.05 -27.00
C LEU A 204 3.97 6.82 -27.83
N SER A 205 3.10 5.81 -27.82
CA SER A 205 3.36 4.64 -28.64
C SER A 205 3.07 4.88 -30.11
N HIS A 206 2.87 6.13 -30.50
CA HIS A 206 2.65 6.59 -31.85
C HIS A 206 1.30 6.17 -32.42
N LEU A 207 0.39 5.65 -31.60
CA LEU A 207 -1.01 5.54 -32.02
C LEU A 207 -1.67 6.88 -31.79
N SER A 208 -1.07 7.91 -32.39
CA SER A 208 -1.12 9.26 -31.88
C SER A 208 -2.54 9.83 -31.83
N VAL A 209 -2.88 10.38 -30.68
CA VAL A 209 -4.14 11.07 -30.45
C VAL A 209 -3.79 12.36 -29.70
N GLU A 210 -4.80 13.09 -29.24
CA GLU A 210 -4.54 14.19 -28.33
C GLU A 210 -4.97 13.77 -26.93
N PRO A 211 -4.05 13.64 -25.98
CA PRO A 211 -4.41 13.11 -24.66
C PRO A 211 -5.53 13.91 -24.00
N ARG A 212 -6.59 13.20 -23.65
CA ARG A 212 -7.74 13.83 -23.01
C ARG A 212 -7.32 14.30 -21.62
N PRO A 213 -8.04 15.27 -21.03
CA PRO A 213 -7.54 15.88 -19.80
C PRO A 213 -7.45 14.87 -18.69
N ILE A 214 -6.51 15.11 -17.78
CA ILE A 214 -6.17 14.16 -16.73
C ILE A 214 -7.44 13.69 -16.02
N ILE A 215 -7.67 12.39 -16.07
CA ILE A 215 -8.68 11.81 -15.20
C ILE A 215 -8.10 11.97 -13.80
N PRO A 216 -8.61 12.90 -13.00
CA PRO A 216 -7.85 13.38 -11.85
C PRO A 216 -7.68 12.31 -10.79
N ALA A 217 -6.60 12.46 -10.03
CA ALA A 217 -6.37 11.58 -8.89
C ALA A 217 -7.43 11.79 -7.84
N ASP A 218 -7.66 10.75 -7.04
CA ASP A 218 -8.71 10.77 -6.03
C ASP A 218 -8.29 9.94 -4.83
N GLY A 219 -8.70 10.40 -3.64
CA GLY A 219 -8.46 9.67 -2.42
C GLY A 219 -7.01 9.52 -2.05
N ARG A 220 -6.25 10.61 -2.12
CA ARG A 220 -4.88 10.62 -1.61
C ARG A 220 -4.65 11.92 -0.86
N GLY A 221 -3.93 11.84 0.25
CA GLY A 221 -3.73 12.97 1.14
C GLY A 221 -2.39 13.63 0.94
N LEU A 222 -2.00 14.40 1.95
CA LEU A 222 -0.78 15.18 1.96
C LEU A 222 0.14 14.70 3.06
N PRO A 223 1.43 14.95 2.96
CA PRO A 223 2.38 14.36 3.92
C PRO A 223 2.20 14.92 5.32
N LEU A 224 2.89 14.27 6.25
CA LEU A 224 3.05 14.75 7.62
C LEU A 224 4.53 15.01 7.84
N TYR A 225 4.87 16.25 8.14
CA TYR A 225 6.25 16.62 8.40
C TYR A 225 6.42 16.85 9.89
N VAL A 226 7.42 16.20 10.48
CA VAL A 226 7.70 16.35 11.90
C VAL A 226 9.12 16.87 11.99
N GLN A 227 9.27 18.19 11.99
CA GLN A 227 10.59 18.80 11.98
C GLN A 227 11.09 19.14 13.37
N SER A 228 10.20 19.31 14.34
CA SER A 228 10.64 19.66 15.69
C SER A 228 11.52 18.56 16.24
N PRO A 229 12.66 18.88 16.84
CA PRO A 229 13.55 17.84 17.34
C PRO A 229 13.13 17.26 18.68
N LYS A 230 12.02 17.73 19.25
CA LYS A 230 11.51 17.23 20.52
C LYS A 230 10.01 17.00 20.42
N ALA A 231 9.57 16.37 19.35
CA ALA A 231 8.18 16.03 19.17
C ALA A 231 7.95 14.56 19.51
N TYR A 232 6.70 14.23 19.82
CA TYR A 232 6.31 12.91 20.27
C TYR A 232 4.99 12.61 19.56
N VAL A 233 5.05 11.76 18.54
CA VAL A 233 3.88 11.46 17.73
C VAL A 233 3.26 10.18 18.25
N ARG A 234 2.03 10.29 18.75
CA ARG A 234 1.35 9.17 19.35
C ARG A 234 -0.02 9.01 18.72
N LYS A 235 -0.57 7.81 18.86
CA LYS A 235 -1.85 7.47 18.25
C LYS A 235 -2.98 7.89 19.17
N ASP A 236 -4.07 8.35 18.57
CA ASP A 236 -5.25 8.75 19.34
C ASP A 236 -6.43 8.18 18.55
N GLY A 237 -6.31 6.92 18.18
CA GLY A 237 -7.37 6.24 17.47
C GLY A 237 -7.20 6.28 15.97
N ASP A 238 -7.90 7.19 15.31
CA ASP A 238 -7.67 7.44 13.89
C ASP A 238 -6.88 8.71 13.63
N CYS A 239 -7.03 9.72 14.47
CA CYS A 239 -6.11 10.84 14.40
C CYS A 239 -4.71 10.38 14.81
N LEU A 240 -3.78 11.31 14.77
CA LEU A 240 -2.39 11.03 15.11
C LEU A 240 -1.85 12.28 15.78
N VAL A 241 -1.86 12.34 17.09
CA VAL A 241 -1.59 13.59 17.78
C VAL A 241 -0.09 13.74 17.98
N ILE A 242 0.43 14.89 17.58
CA ILE A 242 1.84 15.22 17.73
C ILE A 242 1.94 16.15 18.91
N GLU A 243 2.41 15.64 20.04
CA GLU A 243 2.53 16.46 21.24
C GLU A 243 3.99 16.76 21.50
N GLU A 244 4.28 17.99 21.84
CA GLU A 244 5.63 18.46 22.10
C GLU A 244 5.68 19.08 23.47
N GLU A 245 6.55 18.56 24.33
CA GLU A 245 6.59 18.98 25.73
C GLU A 245 5.23 18.80 26.39
N ARG A 246 4.60 17.65 26.13
CA ARG A 246 3.37 17.22 26.79
C ARG A 246 2.18 18.11 26.48
N VAL A 247 2.20 18.87 25.39
CA VAL A 247 1.04 19.65 24.97
C VAL A 247 0.76 19.36 23.50
N ARG A 248 -0.52 19.19 23.17
CA ARG A 248 -0.93 18.83 21.83
C ARG A 248 -0.63 19.97 20.88
N VAL A 249 0.39 19.81 20.03
CA VAL A 249 0.72 20.83 19.06
C VAL A 249 -0.22 20.75 17.86
N ALA A 250 -0.40 19.55 17.31
CA ALA A 250 -1.29 19.39 16.17
C ALA A 250 -1.73 17.94 16.06
N GLU A 251 -2.84 17.74 15.36
CA GLU A 251 -3.36 16.42 15.06
C GLU A 251 -3.34 16.20 13.55
N ALA A 252 -3.18 14.95 13.14
CA ALA A 252 -3.16 14.60 11.73
C ALA A 252 -4.09 13.42 11.51
N ARG A 253 -5.05 13.58 10.61
CA ARG A 253 -6.02 12.53 10.35
C ARG A 253 -5.39 11.47 9.46
N LEU A 254 -5.38 10.22 9.93
CA LEU A 254 -4.68 9.18 9.20
C LEU A 254 -5.31 8.89 7.85
N GLY A 255 -6.61 9.11 7.70
CA GLY A 255 -7.21 8.92 6.39
C GLY A 255 -6.74 9.96 5.39
N GLU A 256 -6.26 11.09 5.87
CA GLU A 256 -5.84 12.20 5.02
C GLU A 256 -4.34 12.38 5.00
N THR A 257 -3.58 11.45 5.55
CA THR A 257 -2.13 11.51 5.56
C THR A 257 -1.59 10.51 4.56
N SER A 258 -0.61 10.94 3.75
CA SER A 258 -0.06 10.09 2.71
C SER A 258 1.37 9.66 2.96
N GLN A 259 2.14 10.39 3.76
CA GLN A 259 3.47 9.97 4.18
C GLN A 259 3.72 10.49 5.58
N VAL A 260 4.85 10.10 6.14
CA VAL A 260 5.31 10.65 7.41
C VAL A 260 6.81 10.85 7.30
N ALA A 261 7.30 12.03 7.67
CA ALA A 261 8.71 12.33 7.66
C ALA A 261 9.14 12.73 9.05
N LEU A 262 10.09 11.98 9.61
CA LEU A 262 10.54 12.22 10.98
C LEU A 262 11.94 12.80 10.92
N PHE A 263 12.04 14.10 11.21
CA PHE A 263 13.31 14.80 11.16
C PHE A 263 14.01 14.73 12.51
N GLY A 264 15.26 14.29 12.51
CA GLY A 264 16.05 14.37 13.72
C GLY A 264 15.56 13.45 14.81
N ASN A 265 15.61 13.94 16.04
CA ASN A 265 15.25 13.15 17.21
C ASN A 265 13.79 13.31 17.58
N ALA A 266 12.90 13.13 16.62
CA ALA A 266 11.47 13.15 16.86
C ALA A 266 11.00 11.72 17.07
N THR A 267 10.27 11.48 18.16
CA THR A 267 9.90 10.13 18.53
C THR A 267 8.53 9.78 17.99
N LEU A 268 8.36 8.52 17.60
CA LEU A 268 7.09 8.00 17.09
C LEU A 268 6.74 6.76 17.89
N THR A 269 5.66 6.82 18.66
CA THR A 269 5.31 5.70 19.50
C THR A 269 5.04 4.47 18.66
N THR A 270 5.43 3.31 19.18
CA THR A 270 5.36 2.08 18.41
C THR A 270 3.94 1.80 17.93
N ALA A 271 2.95 2.18 18.71
CA ALA A 271 1.58 1.97 18.27
C ALA A 271 1.26 2.81 17.05
N ALA A 272 1.73 4.05 17.02
CA ALA A 272 1.52 4.88 15.84
C ALA A 272 2.21 4.28 14.63
N LEU A 273 3.41 3.73 14.84
CA LEU A 273 4.10 3.07 13.75
C LEU A 273 3.31 1.89 13.22
N HIS A 274 2.75 1.09 14.13
CA HIS A 274 1.94 -0.05 13.68
C HIS A 274 0.74 0.42 12.88
N GLU A 275 0.07 1.46 13.36
CA GLU A 275 -1.11 1.94 12.65
C GLU A 275 -0.74 2.49 11.28
N CYS A 276 0.42 3.14 11.17
CA CYS A 276 0.88 3.58 9.86
C CYS A 276 1.16 2.38 8.97
N LEU A 277 1.73 1.32 9.53
CA LEU A 277 2.03 0.14 8.74
C LEU A 277 0.76 -0.52 8.22
N ARG A 278 -0.30 -0.53 9.02
CA ARG A 278 -1.52 -1.22 8.62
C ARG A 278 -2.16 -0.57 7.40
N ARG A 279 -1.78 0.65 7.06
CA ARG A 279 -2.36 1.36 5.94
C ARG A 279 -1.38 1.53 4.78
N GLU A 280 -0.20 0.94 4.88
CA GLU A 280 0.94 1.27 4.04
C GLU A 280 1.03 2.77 3.80
N ILE A 281 1.20 3.49 4.90
CA ILE A 281 1.58 4.89 4.87
C ILE A 281 3.09 4.95 5.07
N PRO A 282 3.87 5.31 4.06
CA PRO A 282 5.33 5.23 4.20
C PRO A 282 5.81 6.14 5.31
N VAL A 283 6.76 5.64 6.09
CA VAL A 283 7.37 6.39 7.17
C VAL A 283 8.85 6.49 6.88
N THR A 284 9.38 7.71 6.86
CA THR A 284 10.75 7.95 6.45
C THR A 284 11.49 8.68 7.56
N TRP A 285 12.61 8.12 7.97
CA TRP A 285 13.44 8.71 9.02
C TRP A 285 14.56 9.52 8.38
N LEU A 286 14.73 10.73 8.84
CA LEU A 286 15.72 11.62 8.27
C LEU A 286 16.59 12.17 9.38
N SER A 287 17.82 12.53 9.04
CA SER A 287 18.64 13.25 9.99
C SER A 287 18.05 14.62 10.27
N TYR A 288 18.68 15.34 11.19
CA TYR A 288 18.22 16.67 11.51
C TYR A 288 18.35 17.60 10.33
N GLY A 289 19.40 17.41 9.53
CA GLY A 289 19.66 18.20 8.34
C GLY A 289 19.05 17.69 7.06
N GLY A 290 18.25 16.63 7.10
CA GLY A 290 17.59 16.12 5.92
C GLY A 290 18.16 14.84 5.35
N TRP A 291 19.28 14.36 5.88
CA TRP A 291 19.85 13.11 5.41
C TRP A 291 18.82 11.98 5.51
N PHE A 292 18.66 11.23 4.44
CA PHE A 292 17.61 10.21 4.36
C PHE A 292 18.15 8.90 4.91
N MET A 293 17.87 8.62 6.18
CA MET A 293 18.49 7.45 6.78
C MET A 293 17.79 6.18 6.32
N GLY A 294 16.52 6.02 6.69
CA GLY A 294 15.81 4.81 6.34
C GLY A 294 14.33 5.07 6.19
N HIS A 295 13.62 4.02 5.82
CA HIS A 295 12.18 4.10 5.64
C HIS A 295 11.58 2.76 6.00
N THR A 296 10.29 2.61 5.75
CA THR A 296 9.57 1.40 6.10
C THR A 296 9.13 0.68 4.84
N VAL A 297 9.22 -0.65 4.85
CA VAL A 297 8.82 -1.49 3.74
C VAL A 297 7.98 -2.62 4.29
N SER A 298 7.28 -3.32 3.38
CA SER A 298 6.40 -4.40 3.80
C SER A 298 6.38 -5.47 2.72
N THR A 299 7.25 -6.46 2.87
CA THR A 299 7.22 -7.69 2.06
C THR A 299 7.14 -7.38 0.57
N GLY A 300 7.89 -6.39 0.13
CA GLY A 300 7.97 -6.07 -1.29
C GLY A 300 6.66 -5.64 -1.94
N HIS A 301 6.74 -5.30 -3.21
CA HIS A 301 5.59 -4.89 -4.00
C HIS A 301 5.25 -6.01 -4.97
N ARG A 302 3.97 -6.38 -5.01
CA ARG A 302 3.59 -7.63 -5.66
C ARG A 302 3.80 -7.62 -7.16
N ASN A 303 4.04 -6.47 -7.76
CA ASN A 303 4.38 -6.40 -9.17
C ASN A 303 5.83 -6.82 -9.36
N VAL A 304 6.05 -7.87 -10.13
CA VAL A 304 7.39 -8.36 -10.38
C VAL A 304 7.89 -8.00 -11.77
N GLU A 305 7.00 -7.97 -12.76
CA GLU A 305 7.42 -7.63 -14.11
C GLU A 305 8.17 -6.31 -14.13
N THR A 306 7.70 -5.34 -13.34
CA THR A 306 8.35 -4.04 -13.32
C THR A 306 9.79 -4.15 -12.86
N ARG A 307 10.03 -4.79 -11.71
CA ARG A 307 11.39 -4.88 -11.18
C ARG A 307 12.25 -5.77 -12.06
N THR A 308 11.69 -6.85 -12.58
CA THR A 308 12.47 -7.72 -13.45
C THR A 308 12.96 -6.96 -14.67
N TYR A 309 12.05 -6.22 -15.31
CA TYR A 309 12.45 -5.40 -16.44
C TYR A 309 13.49 -4.38 -16.03
N GLN A 310 13.28 -3.73 -14.88
CA GLN A 310 14.22 -2.68 -14.46
C GLN A 310 15.62 -3.24 -14.34
N TYR A 311 15.77 -4.36 -13.65
CA TYR A 311 17.11 -4.90 -13.46
C TYR A 311 17.69 -5.43 -14.77
N GLN A 312 16.89 -6.14 -15.55
CA GLN A 312 17.40 -6.71 -16.79
C GLN A 312 17.85 -5.62 -17.75
N ARG A 313 17.15 -4.49 -17.79
CA ARG A 313 17.61 -3.37 -18.59
C ARG A 313 18.77 -2.65 -17.94
N SER A 314 18.83 -2.63 -16.60
CA SER A 314 19.96 -2.04 -15.92
C SER A 314 21.26 -2.73 -16.30
N PHE A 315 21.20 -4.03 -16.58
CA PHE A 315 22.39 -4.73 -17.03
C PHE A 315 22.69 -4.53 -18.51
N ASP A 316 22.12 -3.51 -19.14
CA ASP A 316 22.34 -3.24 -20.56
C ASP A 316 22.99 -1.87 -20.71
N PRO A 317 24.18 -1.78 -21.30
CA PRO A 317 24.88 -0.48 -21.30
C PRO A 317 24.14 0.63 -22.03
N GLU A 318 23.85 0.47 -23.32
CA GLU A 318 23.27 1.60 -24.06
C GLU A 318 21.88 1.99 -23.58
N THR A 319 21.13 1.12 -22.93
CA THR A 319 19.91 1.59 -22.29
C THR A 319 20.23 2.58 -21.18
N CYS A 320 21.21 2.23 -20.35
CA CYS A 320 21.67 3.15 -19.32
C CYS A 320 22.17 4.43 -19.94
N LEU A 321 22.92 4.32 -21.04
CA LEU A 321 23.52 5.49 -21.66
C LEU A 321 22.46 6.41 -22.25
N ASN A 322 21.47 5.85 -22.95
CA ASN A 322 20.43 6.67 -23.51
C ASN A 322 19.63 7.35 -22.41
N LEU A 323 19.30 6.62 -21.36
CA LEU A 323 18.55 7.23 -20.27
C LEU A 323 19.34 8.36 -19.62
N ALA A 324 20.64 8.13 -19.36
CA ALA A 324 21.44 9.16 -18.72
C ALA A 324 21.59 10.39 -19.62
N ARG A 325 21.79 10.18 -20.91
CA ARG A 325 21.84 11.30 -21.84
C ARG A 325 20.56 12.12 -21.76
N ARG A 326 19.42 11.45 -21.93
CA ARG A 326 18.15 12.16 -21.78
C ARG A 326 18.11 12.94 -20.49
N TRP A 327 18.50 12.32 -19.38
CA TRP A 327 18.28 12.95 -18.09
C TRP A 327 19.11 14.21 -17.93
N ILE A 328 20.41 14.13 -18.20
CA ILE A 328 21.18 15.33 -17.94
C ILE A 328 21.00 16.36 -19.04
N VAL A 329 20.62 15.97 -20.26
CA VAL A 329 20.23 16.98 -21.24
C VAL A 329 18.99 17.72 -20.79
N ALA A 330 18.03 17.01 -20.20
CA ALA A 330 16.87 17.68 -19.63
C ALA A 330 17.30 18.60 -18.50
N LYS A 331 18.24 18.16 -17.69
CA LYS A 331 18.69 19.01 -16.58
C LYS A 331 19.31 20.28 -17.09
N ILE A 332 20.16 20.19 -18.10
CA ILE A 332 20.82 21.39 -18.61
C ILE A 332 19.81 22.30 -19.30
N ALA A 333 18.86 21.73 -20.04
CA ALA A 333 17.85 22.57 -20.66
C ALA A 333 17.04 23.30 -19.61
N ASN A 334 16.66 22.62 -18.53
CA ASN A 334 15.91 23.28 -17.49
C ASN A 334 16.74 24.33 -16.77
N CYS A 335 18.04 24.08 -16.61
CA CYS A 335 18.90 25.10 -16.02
C CYS A 335 18.92 26.35 -16.88
N ARG A 336 19.06 26.18 -18.20
CA ARG A 336 19.02 27.32 -19.10
C ARG A 336 17.72 28.07 -18.97
N THR A 337 16.61 27.34 -18.97
CA THR A 337 15.30 27.98 -18.94
C THR A 337 15.11 28.75 -17.64
N LEU A 338 15.57 28.19 -16.52
CA LEU A 338 15.46 28.88 -15.26
C LEU A 338 16.31 30.13 -15.24
N LEU A 339 17.57 30.00 -15.67
CA LEU A 339 18.48 31.14 -15.74
C LEU A 339 17.84 32.27 -16.54
N ARG A 340 17.26 31.95 -17.68
CA ARG A 340 16.52 32.97 -18.43
C ARG A 340 15.41 33.54 -17.60
N ARG A 341 14.37 32.75 -17.36
CA ARG A 341 13.08 33.32 -16.97
C ARG A 341 13.14 34.00 -15.61
N ASN A 342 14.12 33.66 -14.77
CA ASN A 342 14.20 34.31 -13.46
C ASN A 342 15.47 35.11 -13.28
N TRP A 343 16.15 35.49 -14.35
CA TRP A 343 17.28 36.40 -14.24
C TRP A 343 16.75 37.79 -13.89
N ARG A 344 17.30 38.40 -12.85
CA ARG A 344 16.88 39.71 -12.39
C ARG A 344 18.10 40.62 -12.33
N GLY A 345 18.36 41.32 -13.43
CA GLY A 345 19.35 42.36 -13.48
C GLY A 345 18.70 43.74 -13.55
N GLU A 346 19.55 44.76 -13.62
CA GLU A 346 19.11 46.15 -13.57
C GLU A 346 19.10 46.81 -14.95
N GLY A 347 20.20 46.74 -15.68
CA GLY A 347 20.30 47.33 -16.99
C GLY A 347 21.57 46.89 -17.70
N ASP A 348 21.42 46.39 -18.92
CA ASP A 348 22.44 45.68 -19.69
C ASP A 348 22.79 44.35 -19.05
N GLU A 349 22.27 44.08 -17.86
CA GLU A 349 22.36 42.80 -17.20
C GLU A 349 21.00 42.18 -17.00
N ALA A 350 19.93 42.94 -17.25
CA ALA A 350 18.58 42.50 -16.91
C ALA A 350 18.13 41.33 -17.78
N LYS A 351 18.85 41.00 -18.84
CA LYS A 351 18.51 39.88 -19.68
C LYS A 351 19.79 39.08 -19.93
N ALA A 352 19.61 37.78 -20.13
CA ALA A 352 20.71 36.84 -20.01
C ALA A 352 21.81 37.12 -21.04
N PRO A 353 23.08 36.94 -20.66
CA PRO A 353 24.18 37.04 -21.62
C PRO A 353 24.21 35.84 -22.55
N PRO A 354 24.15 36.08 -23.86
CA PRO A 354 24.07 34.95 -24.80
C PRO A 354 25.31 34.08 -24.82
N GLY A 355 26.47 34.59 -24.39
CA GLY A 355 27.65 33.74 -24.34
C GLY A 355 27.48 32.58 -23.38
N LEU A 356 26.91 32.85 -22.20
CA LEU A 356 26.54 31.77 -21.28
C LEU A 356 25.56 30.81 -21.91
N LEU A 357 24.54 31.34 -22.60
CA LEU A 357 23.56 30.47 -23.24
C LEU A 357 24.21 29.62 -24.32
N MET A 358 25.16 30.20 -25.05
CA MET A 358 25.94 29.44 -26.01
C MET A 358 26.68 28.30 -25.32
N SER A 359 27.36 28.59 -24.23
CA SER A 359 28.09 27.54 -23.52
C SER A 359 27.16 26.45 -23.02
N LEU A 360 26.03 26.84 -22.45
CA LEU A 360 25.12 25.85 -21.89
C LEU A 360 24.49 25.00 -22.98
N GLN A 361 24.09 25.60 -24.09
CA GLN A 361 23.51 24.81 -25.16
C GLN A 361 24.56 23.91 -25.80
N ASP A 362 25.78 24.40 -25.98
CA ASP A 362 26.84 23.55 -26.49
C ASP A 362 27.13 22.39 -25.56
N ASP A 363 27.00 22.60 -24.25
CA ASP A 363 27.18 21.51 -23.31
C ASP A 363 26.02 20.53 -23.36
N MET A 364 24.80 21.05 -23.48
CA MET A 364 23.65 20.19 -23.73
C MET A 364 23.95 19.25 -24.88
N ARG A 365 24.51 19.79 -25.96
CA ARG A 365 24.61 18.99 -27.17
C ARG A 365 25.83 18.07 -27.11
N HIS A 366 26.89 18.52 -26.45
CA HIS A 366 28.05 17.67 -26.17
C HIS A 366 27.66 16.49 -25.30
N ALA A 367 26.71 16.68 -24.39
CA ALA A 367 26.23 15.56 -23.59
C ALA A 367 25.35 14.66 -24.43
N MET A 368 24.50 15.24 -25.26
CA MET A 368 23.66 14.43 -26.14
C MET A 368 24.50 13.51 -27.03
N ARG A 369 25.71 13.92 -27.39
CA ARG A 369 26.59 13.07 -28.17
C ARG A 369 27.66 12.38 -27.34
N ALA A 370 27.34 12.02 -26.10
CA ALA A 370 28.35 11.46 -25.21
C ALA A 370 28.70 10.04 -25.61
N PRO A 371 29.94 9.64 -25.47
CA PRO A 371 30.32 8.26 -25.80
C PRO A 371 30.08 7.28 -24.67
N SER A 372 30.23 7.70 -23.42
CA SER A 372 30.09 6.78 -22.29
C SER A 372 29.71 7.58 -21.05
N LEU A 373 29.54 6.86 -19.94
CA LEU A 373 29.06 7.50 -18.73
C LEU A 373 30.13 8.39 -18.10
N GLU A 374 31.40 8.08 -18.34
CA GLU A 374 32.48 8.88 -17.77
C GLU A 374 32.42 10.30 -18.31
N VAL A 375 32.38 10.44 -19.63
CA VAL A 375 32.32 11.75 -20.25
C VAL A 375 31.02 12.44 -19.88
N LEU A 376 29.94 11.68 -19.74
CA LEU A 376 28.68 12.27 -19.34
C LEU A 376 28.78 12.89 -17.96
N LEU A 377 29.42 12.21 -17.01
CA LEU A 377 29.57 12.79 -15.69
C LEU A 377 30.46 14.02 -15.75
N GLY A 378 31.52 13.98 -16.57
CA GLY A 378 32.35 15.16 -16.73
C GLY A 378 31.58 16.36 -17.23
N ILE A 379 30.75 16.14 -18.26
CA ILE A 379 29.98 17.24 -18.84
C ILE A 379 28.95 17.75 -17.85
N GLU A 380 28.30 16.84 -17.11
CA GLU A 380 27.36 17.28 -16.09
C GLU A 380 28.05 18.16 -15.08
N GLY A 381 29.24 17.78 -14.65
CA GLY A 381 29.97 18.59 -13.70
C GLY A 381 30.29 19.97 -14.25
N ALA A 382 30.78 20.04 -15.47
CA ALA A 382 31.15 21.33 -16.05
C ALA A 382 29.93 22.24 -16.19
N SER A 383 28.83 21.69 -16.69
CA SER A 383 27.64 22.51 -16.89
C SER A 383 27.08 22.98 -15.55
N ALA A 384 27.02 22.10 -14.56
CA ALA A 384 26.53 22.51 -13.25
C ALA A 384 27.45 23.56 -12.64
N GLY A 385 28.75 23.45 -12.88
CA GLY A 385 29.67 24.46 -12.40
C GLY A 385 29.35 25.82 -12.98
N ARG A 386 29.15 25.89 -14.30
CA ARG A 386 28.81 27.18 -14.90
C ARG A 386 27.48 27.70 -14.37
N TYR A 387 26.50 26.81 -14.27
CA TYR A 387 25.17 27.23 -13.83
C TYR A 387 25.23 27.82 -12.43
N PHE A 388 25.94 27.16 -11.52
CA PHE A 388 26.01 27.69 -10.17
C PHE A 388 26.90 28.93 -10.11
N GLN A 389 27.94 29.00 -10.94
CA GLN A 389 28.72 30.22 -11.02
C GLN A 389 27.84 31.42 -11.32
N HIS A 390 26.85 31.24 -12.18
CA HIS A 390 25.92 32.31 -12.44
C HIS A 390 24.68 32.27 -11.56
N PHE A 391 24.57 31.30 -10.65
CA PHE A 391 23.34 31.16 -9.87
C PHE A 391 23.04 32.40 -9.05
N SER A 392 24.05 32.96 -8.40
CA SER A 392 23.83 34.12 -7.54
C SER A 392 23.36 35.33 -8.31
N ARG A 393 23.36 35.25 -9.64
CA ARG A 393 23.07 36.40 -10.48
C ARG A 393 21.67 36.91 -10.23
N MET A 394 20.79 36.03 -9.72
CA MET A 394 19.37 36.10 -9.98
C MET A 394 18.49 35.95 -8.75
N LEU A 395 19.01 36.20 -7.55
CA LEU A 395 18.20 36.12 -6.34
C LEU A 395 18.18 37.49 -5.67
N ARG A 396 16.97 37.98 -5.36
CA ARG A 396 16.77 39.28 -4.74
C ARG A 396 17.45 40.40 -5.53
N GLY A 397 17.61 40.19 -6.84
CA GLY A 397 18.35 41.14 -7.66
C GLY A 397 19.79 41.29 -7.23
N GLY A 398 20.35 40.28 -6.59
CA GLY A 398 21.72 40.32 -6.11
C GLY A 398 21.76 39.84 -4.67
N ASP A 399 22.96 39.51 -4.20
CA ASP A 399 23.13 39.01 -2.85
C ASP A 399 22.70 40.07 -1.84
N GLY A 400 22.04 39.62 -0.79
CA GLY A 400 21.67 40.48 0.33
C GLY A 400 22.75 40.49 1.39
N GLU A 401 22.35 40.78 2.62
CA GLU A 401 23.27 40.74 3.75
C GLU A 401 23.43 39.28 4.17
N GLY A 402 24.64 38.75 4.04
CA GLY A 402 24.90 37.39 4.49
C GLY A 402 24.43 36.30 3.54
N MET A 403 23.44 36.60 2.71
CA MET A 403 22.88 35.62 1.78
C MET A 403 23.85 35.41 0.63
N GLY A 404 25.06 34.98 0.95
CA GLY A 404 26.15 34.90 -0.01
C GLY A 404 26.33 33.47 -0.50
N PHE A 405 26.25 33.31 -1.81
CA PHE A 405 26.53 32.04 -2.47
C PHE A 405 28.01 31.96 -2.79
N ASP A 406 28.63 30.84 -2.49
CA ASP A 406 29.94 30.55 -3.06
C ASP A 406 29.78 29.35 -3.98
N PHE A 407 30.05 29.57 -5.26
CA PHE A 407 29.88 28.54 -6.27
C PHE A 407 30.83 27.36 -6.10
N THR A 408 31.95 27.57 -5.42
CA THR A 408 32.93 26.50 -5.20
C THR A 408 32.62 25.67 -3.96
N THR A 409 31.65 26.09 -3.16
CA THR A 409 31.32 25.42 -1.92
C THR A 409 30.27 24.33 -2.09
N ARG A 410 29.87 24.04 -3.32
CA ARG A 410 28.83 23.06 -3.55
C ARG A 410 29.37 21.64 -3.43
N ASN A 411 28.44 20.70 -3.29
CA ASN A 411 28.71 19.28 -3.48
C ASN A 411 29.60 18.70 -2.38
N ARG A 412 29.52 19.19 -1.15
CA ARG A 412 30.27 18.55 -0.07
C ARG A 412 29.63 18.81 1.28
N ARG A 413 30.10 18.06 2.28
CA ARG A 413 29.23 17.65 3.39
C ARG A 413 28.70 18.83 4.20
N PRO A 414 29.51 19.59 4.94
CA PRO A 414 28.95 20.63 5.79
C PRO A 414 28.76 21.93 5.02
N PRO A 415 27.53 22.43 4.93
CA PRO A 415 27.29 23.66 4.18
C PRO A 415 27.77 24.87 4.96
N LYS A 416 28.70 25.62 4.38
CA LYS A 416 29.19 26.83 5.03
C LYS A 416 28.79 28.11 4.30
N ASP A 417 27.62 28.11 3.69
CA ASP A 417 26.93 29.31 3.25
C ASP A 417 25.49 29.18 3.70
N PRO A 418 24.78 30.26 3.80
CA PRO A 418 23.35 30.14 4.09
C PRO A 418 22.62 29.49 2.94
N VAL A 419 22.84 30.03 1.75
CA VAL A 419 22.15 29.53 0.57
C VAL A 419 22.67 28.15 0.16
N ASN A 420 23.93 27.83 0.45
CA ASN A 420 24.39 26.46 0.26
C ASN A 420 23.62 25.50 1.14
N ALA A 421 23.41 25.86 2.40
CA ALA A 421 22.63 25.01 3.28
C ALA A 421 21.21 24.88 2.78
N LEU A 422 20.65 25.99 2.29
CA LEU A 422 19.28 25.94 1.78
C LEU A 422 19.17 25.01 0.58
N LEU A 423 20.13 25.08 -0.34
CA LEU A 423 20.12 24.17 -1.49
C LEU A 423 20.27 22.73 -1.04
N SER A 424 21.20 22.46 -0.13
CA SER A 424 21.41 21.07 0.26
C SER A 424 20.18 20.51 0.95
N PHE A 425 19.51 21.33 1.76
CA PHE A 425 18.27 20.89 2.37
C PHE A 425 17.22 20.59 1.32
N ALA A 426 17.08 21.48 0.34
CA ALA A 426 16.06 21.24 -0.70
C ALA A 426 16.36 19.98 -1.49
N TYR A 427 17.61 19.76 -1.85
CA TYR A 427 17.97 18.54 -2.58
C TYR A 427 17.65 17.31 -1.76
N ALA A 428 18.12 17.28 -0.51
CA ALA A 428 17.94 16.12 0.32
C ALA A 428 16.50 15.92 0.72
N MET A 429 15.64 16.91 0.50
CA MET A 429 14.24 16.78 0.84
C MET A 429 13.38 16.59 -0.40
N LEU A 430 13.96 16.72 -1.59
CA LEU A 430 13.34 16.24 -2.82
C LEU A 430 13.69 14.79 -3.10
N THR A 431 14.87 14.35 -2.68
CA THR A 431 15.23 12.95 -2.85
C THR A 431 14.23 12.05 -2.15
N ARG A 432 13.72 12.46 -1.00
CA ARG A 432 12.71 11.68 -0.29
C ARG A 432 11.44 11.55 -1.11
N GLU A 433 10.99 12.66 -1.69
CA GLU A 433 9.78 12.62 -2.50
C GLU A 433 9.95 11.66 -3.66
N TRP A 434 11.08 11.74 -4.34
CA TRP A 434 11.29 10.86 -5.47
C TRP A 434 11.39 9.41 -5.03
N THR A 435 12.03 9.13 -3.90
CA THR A 435 12.12 7.76 -3.44
C THR A 435 10.74 7.19 -3.14
N VAL A 436 9.91 7.96 -2.46
CA VAL A 436 8.58 7.47 -2.14
C VAL A 436 7.78 7.23 -3.41
N ALA A 437 7.82 8.19 -4.35
CA ALA A 437 7.05 8.03 -5.57
C ALA A 437 7.52 6.84 -6.37
N LEU A 438 8.83 6.60 -6.41
CA LEU A 438 9.35 5.48 -7.18
C LEU A 438 9.04 4.15 -6.52
N ALA A 439 9.04 4.09 -5.21
CA ALA A 439 8.70 2.84 -4.56
C ALA A 439 7.21 2.57 -4.59
N ALA A 440 6.39 3.59 -4.82
CA ALA A 440 4.96 3.39 -4.87
C ALA A 440 4.47 2.86 -6.20
N VAL A 441 5.32 2.76 -7.21
CA VAL A 441 4.93 2.27 -8.52
C VAL A 441 5.53 0.92 -8.82
N GLY A 442 6.08 0.24 -7.82
CA GLY A 442 6.65 -1.07 -8.03
C GLY A 442 8.13 -1.08 -8.33
N LEU A 443 8.72 0.05 -8.70
CA LEU A 443 10.12 0.07 -9.02
C LEU A 443 10.96 -0.12 -7.76
N ASP A 444 12.26 -0.32 -7.95
CA ASP A 444 13.19 -0.42 -6.85
C ASP A 444 14.03 0.85 -6.82
N PRO A 445 13.83 1.75 -5.85
CA PRO A 445 14.46 3.07 -5.94
C PRO A 445 15.96 3.06 -5.83
N TYR A 446 16.59 1.92 -5.57
CA TYR A 446 18.02 1.92 -5.34
C TYR A 446 18.84 1.43 -6.51
N ARG A 447 18.24 0.75 -7.47
CA ARG A 447 18.98 0.26 -8.63
C ARG A 447 18.86 1.30 -9.72
N GLY A 448 19.93 2.05 -9.94
CA GLY A 448 19.93 3.15 -10.88
C GLY A 448 20.79 2.84 -12.08
N PHE A 449 20.52 3.51 -13.19
CA PHE A 449 21.25 3.31 -14.42
C PHE A 449 22.45 4.22 -14.52
N TYR A 450 22.35 5.44 -14.00
CA TYR A 450 23.41 6.43 -14.09
C TYR A 450 24.22 6.49 -12.80
N HIS A 451 23.56 6.75 -11.68
CA HIS A 451 24.25 6.93 -10.42
C HIS A 451 24.61 5.60 -9.79
N GLN A 452 25.55 5.65 -8.87
CA GLN A 452 25.92 4.47 -8.13
C GLN A 452 25.33 4.52 -6.74
N PRO A 453 24.96 3.38 -6.16
CA PRO A 453 24.29 3.39 -4.86
C PRO A 453 25.26 3.75 -3.75
N ARG A 454 24.84 4.68 -2.90
CA ARG A 454 25.62 5.01 -1.72
C ARG A 454 24.66 5.54 -0.66
N PHE A 455 25.12 5.49 0.59
CA PHE A 455 24.22 5.61 1.73
C PHE A 455 23.49 6.94 1.72
N GLY A 456 22.19 6.88 2.01
CA GLY A 456 21.36 8.05 2.13
C GLY A 456 20.89 8.64 0.83
N ARG A 457 21.33 8.10 -0.31
CA ARG A 457 21.01 8.67 -1.61
C ARG A 457 20.72 7.54 -2.58
N PRO A 458 19.46 7.14 -2.71
CA PRO A 458 19.12 6.00 -3.58
C PRO A 458 19.51 6.32 -5.01
N ALA A 459 20.01 5.31 -5.71
CA ALA A 459 20.62 5.58 -7.00
C ALA A 459 19.61 5.92 -8.08
N LEU A 460 18.34 5.60 -7.89
CA LEU A 460 17.37 5.91 -8.93
C LEU A 460 16.61 7.19 -8.67
N ALA A 461 16.34 7.52 -7.41
CA ALA A 461 15.79 8.84 -7.13
C ALA A 461 16.77 9.92 -7.52
N LEU A 462 18.05 9.74 -7.21
CA LEU A 462 19.05 10.69 -7.65
C LEU A 462 19.06 10.83 -9.15
N ASP A 463 18.75 9.75 -9.88
CA ASP A 463 18.71 9.82 -11.33
C ASP A 463 17.51 10.63 -11.78
N MET A 464 16.32 10.15 -11.48
CA MET A 464 15.14 10.78 -12.06
C MET A 464 14.82 12.11 -11.43
N MET A 465 15.55 12.55 -10.42
CA MET A 465 15.38 13.90 -9.94
C MET A 465 16.23 14.90 -10.71
N GLU A 466 17.17 14.43 -11.53
CA GLU A 466 18.08 15.36 -12.20
C GLU A 466 17.35 16.38 -13.06
N PRO A 467 16.38 16.03 -13.90
CA PRO A 467 15.61 17.07 -14.57
C PRO A 467 14.87 17.98 -13.63
N PHE A 468 14.45 17.48 -12.47
CA PHE A 468 13.58 18.25 -11.61
C PHE A 468 14.31 19.08 -10.58
N ARG A 469 15.64 19.01 -10.52
CA ARG A 469 16.35 19.86 -9.57
C ARG A 469 16.07 21.34 -9.81
N PRO A 470 16.31 21.88 -11.00
CA PRO A 470 16.02 23.31 -11.19
C PRO A 470 14.56 23.67 -11.03
N LEU A 471 13.64 22.77 -11.40
CA LEU A 471 12.24 23.17 -11.37
C LEU A 471 11.67 23.19 -9.97
N ILE A 472 12.13 22.30 -9.08
CA ILE A 472 11.57 22.19 -7.74
C ILE A 472 12.54 22.70 -6.70
N ALA A 473 13.73 22.12 -6.61
CA ALA A 473 14.65 22.49 -5.55
C ALA A 473 15.12 23.93 -5.70
N ASP A 474 15.79 24.22 -6.83
CA ASP A 474 16.32 25.56 -7.04
C ASP A 474 15.22 26.59 -7.09
N SER A 475 14.09 26.24 -7.72
CA SER A 475 12.98 27.18 -7.76
C SER A 475 12.46 27.49 -6.37
N THR A 476 12.39 26.49 -5.50
CA THR A 476 11.94 26.74 -4.14
C THR A 476 12.91 27.62 -3.40
N VAL A 477 14.22 27.37 -3.56
CA VAL A 477 15.20 28.22 -2.91
C VAL A 477 15.05 29.65 -3.37
N LEU A 478 14.90 29.85 -4.67
CA LEU A 478 14.82 31.20 -5.22
C LEU A 478 13.57 31.90 -4.74
N MET A 479 12.43 31.24 -4.79
CA MET A 479 11.19 31.86 -4.36
C MET A 479 11.24 32.15 -2.87
N ALA A 480 11.85 31.27 -2.09
CA ALA A 480 11.95 31.51 -0.65
C ALA A 480 12.79 32.73 -0.34
N ILE A 481 13.96 32.86 -0.99
CA ILE A 481 14.79 34.02 -0.71
C ILE A 481 14.13 35.29 -1.21
N ASN A 482 13.60 35.27 -2.44
CA ASN A 482 13.02 36.49 -3.01
C ASN A 482 11.82 36.97 -2.20
N ASN A 483 10.89 36.07 -1.89
CA ASN A 483 9.68 36.50 -1.20
C ASN A 483 9.94 36.89 0.24
N GLY A 484 11.13 36.64 0.75
CA GLY A 484 11.44 36.94 2.14
C GLY A 484 11.09 35.85 3.11
N GLU A 485 10.91 34.62 2.64
CA GLU A 485 10.78 33.50 3.57
C GLU A 485 11.99 33.42 4.49
N ILE A 486 13.18 33.63 3.96
CA ILE A 486 14.43 33.46 4.68
C ILE A 486 15.25 34.74 4.53
N ARG A 487 15.70 35.29 5.65
CA ARG A 487 16.72 36.32 5.65
C ARG A 487 17.86 35.82 6.53
N THR A 488 18.86 36.66 6.73
CA THR A 488 20.10 36.20 7.36
C THR A 488 19.87 35.78 8.80
N GLY A 489 18.94 36.44 9.49
CA GLY A 489 18.69 36.12 10.89
C GLY A 489 18.24 34.69 11.09
N ASP A 490 17.61 34.10 10.07
CA ASP A 490 17.06 32.76 10.19
C ASP A 490 18.14 31.70 10.35
N PHE A 491 19.38 32.00 9.99
CA PHE A 491 20.43 31.00 10.10
C PHE A 491 21.15 31.10 11.43
N VAL A 492 21.75 29.98 11.83
CA VAL A 492 22.61 29.93 12.99
C VAL A 492 23.91 29.24 12.59
N ARG A 493 25.02 29.84 12.97
CA ARG A 493 26.32 29.26 12.69
C ARG A 493 26.53 28.02 13.55
N SER A 494 27.55 27.25 13.19
CA SER A 494 27.97 26.12 13.99
C SER A 494 29.35 25.71 13.51
N ALA A 495 30.06 24.95 14.35
CA ALA A 495 31.37 24.46 13.97
C ALA A 495 31.33 23.71 12.65
N GLY A 496 30.26 22.98 12.39
CA GLY A 496 30.12 22.33 11.09
C GLY A 496 29.94 23.33 9.97
N GLY A 497 29.08 24.33 10.16
CA GLY A 497 28.72 25.20 9.07
C GLY A 497 27.55 26.10 9.36
N CYS A 498 26.53 26.08 8.52
CA CYS A 498 25.33 26.87 8.69
C CYS A 498 24.14 25.94 8.88
N ASN A 499 23.19 26.35 9.71
CA ASN A 499 21.94 25.61 9.87
C ASN A 499 20.80 26.59 10.02
N LEU A 500 19.59 26.07 10.08
CA LEU A 500 18.39 26.90 10.14
C LEU A 500 17.73 26.77 11.50
N THR A 501 17.19 27.87 12.00
CA THR A 501 16.36 27.82 13.18
C THR A 501 15.04 27.13 12.85
N ASP A 502 14.33 26.73 13.91
CA ASP A 502 13.06 26.05 13.71
C ASP A 502 12.08 26.95 12.97
N SER A 503 12.05 28.24 13.30
CA SER A 503 11.22 29.15 12.55
C SER A 503 11.57 29.15 11.07
N ALA A 504 12.85 28.94 10.74
CA ALA A 504 13.25 28.85 9.36
C ALA A 504 12.85 27.52 8.74
N ARG A 505 13.03 26.43 9.47
CA ARG A 505 12.76 25.12 8.90
C ARG A 505 11.28 24.95 8.60
N LYS A 506 10.41 25.41 9.50
CA LYS A 506 8.98 25.27 9.23
C LYS A 506 8.58 26.08 8.00
N ARG A 507 9.05 27.32 7.89
CA ARG A 507 8.68 28.13 6.73
C ARG A 507 9.22 27.54 5.44
N PHE A 508 10.47 27.07 5.46
CA PHE A 508 11.04 26.50 4.25
C PHE A 508 10.32 25.24 3.84
N ILE A 509 9.99 24.38 4.79
CA ILE A 509 9.27 23.16 4.46
C ILE A 509 7.90 23.49 3.92
N ALA A 510 7.23 24.49 4.49
CA ALA A 510 5.95 24.90 3.94
C ALA A 510 6.09 25.41 2.52
N GLY A 511 7.16 26.14 2.24
CA GLY A 511 7.40 26.59 0.87
C GLY A 511 7.61 25.44 -0.08
N PHE A 512 8.39 24.45 0.33
CA PHE A 512 8.63 23.30 -0.52
C PHE A 512 7.33 22.55 -0.77
N GLU A 513 6.49 22.42 0.25
CA GLU A 513 5.21 21.77 0.06
C GLU A 513 4.34 22.54 -0.93
N ARG A 514 4.32 23.86 -0.80
CA ARG A 514 3.54 24.65 -1.75
C ARG A 514 4.05 24.45 -3.15
N ARG A 515 5.37 24.33 -3.31
CA ARG A 515 5.92 24.05 -4.63
C ARG A 515 5.46 22.69 -5.15
N MET A 516 5.48 21.68 -4.30
CA MET A 516 5.09 20.35 -4.75
C MET A 516 3.62 20.29 -5.14
N GLU A 517 2.76 21.04 -4.45
CA GLU A 517 1.34 21.03 -4.79
C GLU A 517 0.98 22.15 -5.76
N GLN A 518 1.92 22.62 -6.54
CA GLN A 518 1.71 23.74 -7.46
C GLN A 518 1.56 23.21 -8.88
N GLU A 519 0.42 23.50 -9.50
CA GLU A 519 0.10 22.94 -10.80
C GLU A 519 0.97 23.52 -11.89
N VAL A 520 1.28 22.68 -12.89
CA VAL A 520 1.96 23.09 -14.11
C VAL A 520 1.19 22.52 -15.28
N THR A 521 1.72 22.72 -16.49
CA THR A 521 1.15 22.12 -17.69
C THR A 521 2.21 21.27 -18.36
N HIS A 522 1.88 20.01 -18.60
CA HIS A 522 2.83 19.09 -19.20
C HIS A 522 3.17 19.54 -20.61
N PRO A 523 4.44 19.61 -20.98
CA PRO A 523 4.77 19.99 -22.35
C PRO A 523 4.20 19.04 -23.39
N ILE A 524 4.15 17.75 -23.09
CA ILE A 524 3.80 16.76 -24.09
C ILE A 524 2.29 16.54 -24.15
N PHE A 525 1.67 16.35 -22.99
CA PHE A 525 0.25 16.02 -22.96
C PHE A 525 -0.63 17.24 -22.76
N LYS A 526 -0.11 18.32 -22.20
CA LYS A 526 -0.81 19.59 -22.10
C LYS A 526 -2.09 19.48 -21.26
N TYR A 527 -1.90 19.17 -19.98
CA TYR A 527 -2.95 19.34 -19.00
C TYR A 527 -2.35 19.78 -17.68
N THR A 528 -3.16 20.43 -16.86
CA THR A 528 -2.68 20.95 -15.58
C THR A 528 -2.53 19.80 -14.60
N ILE A 529 -1.30 19.59 -14.13
CA ILE A 529 -0.98 18.51 -13.23
C ILE A 529 -0.06 19.04 -12.14
N SER A 530 -0.37 18.73 -10.89
CA SER A 530 0.51 19.13 -9.80
C SER A 530 1.85 18.41 -9.90
N TYR A 531 2.87 18.99 -9.30
CA TYR A 531 4.19 18.38 -9.37
C TYR A 531 4.21 17.01 -8.70
N ARG A 532 3.50 16.87 -7.58
CA ARG A 532 3.47 15.59 -6.89
C ARG A 532 2.84 14.52 -7.77
N ARG A 533 1.75 14.84 -8.45
CA ARG A 533 1.18 13.89 -9.40
C ARG A 533 2.12 13.65 -10.55
N LEU A 534 2.88 14.68 -10.94
CA LEU A 534 3.76 14.54 -12.08
C LEU A 534 4.87 13.55 -11.79
N LEU A 535 5.36 13.52 -10.55
CA LEU A 535 6.39 12.55 -10.22
C LEU A 535 5.87 11.13 -10.39
N GLU A 536 4.66 10.86 -9.94
CA GLU A 536 4.09 9.53 -10.10
C GLU A 536 3.89 9.19 -11.56
N VAL A 537 3.37 10.15 -12.35
CA VAL A 537 3.15 9.89 -13.75
C VAL A 537 4.47 9.57 -14.46
N GLN A 538 5.52 10.31 -14.11
CA GLN A 538 6.81 10.05 -14.73
C GLN A 538 7.37 8.70 -14.31
N ALA A 539 7.21 8.32 -13.05
CA ALA A 539 7.66 7.01 -12.64
C ALA A 539 6.94 5.91 -13.40
N ARG A 540 5.61 6.05 -13.55
CA ARG A 540 4.86 5.06 -14.29
C ARG A 540 5.31 4.99 -15.74
N LEU A 541 5.57 6.14 -16.35
CA LEU A 541 6.02 6.12 -17.72
C LEU A 541 7.39 5.47 -17.84
N LEU A 542 8.24 5.62 -16.83
CA LEU A 542 9.50 4.89 -16.87
C LEU A 542 9.25 3.38 -16.81
N THR A 543 8.31 2.95 -15.98
CA THR A 543 8.00 1.52 -15.95
C THR A 543 7.53 1.05 -17.31
N ARG A 544 6.68 1.83 -17.97
CA ARG A 544 6.22 1.45 -19.30
C ARG A 544 7.37 1.40 -20.29
N TYR A 545 8.27 2.38 -20.25
CA TYR A 545 9.37 2.39 -21.19
C TYR A 545 10.26 1.17 -21.01
N LEU A 546 10.58 0.84 -19.76
CA LEU A 546 11.37 -0.37 -19.52
C LEU A 546 10.62 -1.61 -19.96
N SER A 547 9.30 -1.55 -19.90
CA SER A 547 8.48 -2.68 -20.31
C SER A 547 8.51 -2.89 -21.81
N GLY A 548 9.13 -1.98 -22.56
CA GLY A 548 9.09 -2.08 -24.00
C GLY A 548 7.77 -1.66 -24.60
N GLU A 549 6.87 -1.10 -23.80
CA GLU A 549 5.56 -0.71 -24.32
C GLU A 549 5.65 0.55 -25.15
N ILE A 550 6.44 1.52 -24.73
CA ILE A 550 6.55 2.79 -25.46
C ILE A 550 7.97 2.91 -25.99
N PRO A 551 8.20 3.69 -27.05
CA PRO A 551 9.55 3.73 -27.63
C PRO A 551 10.58 4.39 -26.74
N ALA A 552 10.24 5.49 -26.08
CA ALA A 552 11.23 6.21 -25.30
C ALA A 552 10.57 6.97 -24.17
N TYR A 553 11.38 7.26 -23.15
CA TYR A 553 10.91 7.92 -21.93
C TYR A 553 10.75 9.41 -22.18
N PRO A 554 9.61 10.00 -21.79
CA PRO A 554 9.39 11.44 -21.97
C PRO A 554 10.00 12.23 -20.83
N ASN A 555 11.00 13.04 -21.12
CA ASN A 555 11.87 13.56 -20.09
C ASN A 555 11.37 14.83 -19.40
N PHE A 556 10.28 15.41 -19.88
CA PHE A 556 9.74 16.63 -19.27
C PHE A 556 10.78 17.76 -19.28
N VAL A 557 11.09 18.20 -20.48
CA VAL A 557 11.87 19.42 -20.69
C VAL A 557 10.89 20.58 -20.82
N THR A 558 11.13 21.64 -20.06
CA THR A 558 10.27 22.81 -20.18
C THR A 558 11.08 24.05 -20.55
N GLY B 219 30.02 -16.97 9.92
CA GLY B 219 29.07 -15.90 10.21
C GLY B 219 29.61 -14.61 10.81
N ARG B 220 28.69 -13.66 11.09
CA ARG B 220 28.95 -12.35 11.71
C ARG B 220 28.15 -12.09 12.99
N GLY B 221 26.93 -12.59 13.11
CA GLY B 221 26.05 -12.13 14.16
C GLY B 221 24.67 -12.71 14.02
N LEU B 222 23.84 -12.41 15.02
CA LEU B 222 22.58 -13.10 15.15
C LEU B 222 21.45 -12.14 15.49
N PRO B 223 20.24 -12.45 15.04
CA PRO B 223 19.09 -11.59 15.34
C PRO B 223 18.80 -11.55 16.82
N LEU B 224 18.30 -10.39 17.26
CA LEU B 224 17.94 -10.15 18.65
C LEU B 224 16.44 -10.02 18.75
N TYR B 225 15.81 -10.85 19.57
CA TYR B 225 14.36 -10.91 19.67
C TYR B 225 13.94 -10.34 21.03
N VAL B 226 13.29 -9.19 21.00
CA VAL B 226 12.88 -8.49 22.22
C VAL B 226 11.45 -8.94 22.53
N GLN B 227 11.33 -10.05 23.27
CA GLN B 227 10.01 -10.58 23.57
C GLN B 227 9.20 -9.67 24.46
N SER B 228 9.85 -9.00 25.41
CA SER B 228 9.12 -8.26 26.42
C SER B 228 8.34 -7.11 25.79
N PRO B 229 7.01 -7.12 25.83
CA PRO B 229 6.28 -5.91 25.45
C PRO B 229 6.55 -4.74 26.36
N LYS B 230 7.10 -4.98 27.54
CA LYS B 230 7.42 -3.90 28.45
C LYS B 230 8.63 -3.11 27.99
N ALA B 231 9.40 -3.65 27.05
CA ALA B 231 10.82 -3.28 26.93
C ALA B 231 11.00 -1.86 26.42
N TYR B 232 12.14 -1.29 26.79
CA TYR B 232 12.60 0.02 26.34
C TYR B 232 14.05 -0.14 25.94
N VAL B 233 14.37 0.13 24.68
CA VAL B 233 15.68 -0.17 24.12
C VAL B 233 16.41 1.14 23.86
N ARG B 234 17.61 1.24 24.41
CA ARG B 234 18.46 2.41 24.22
C ARG B 234 19.76 2.01 23.54
N LYS B 235 20.55 3.01 23.18
CA LYS B 235 21.90 2.81 22.67
C LYS B 235 22.90 3.24 23.72
N ASP B 236 23.86 2.36 24.01
CA ASP B 236 24.95 2.66 24.94
C ASP B 236 26.25 2.56 24.15
N GLY B 237 26.63 3.66 23.50
CA GLY B 237 27.83 3.67 22.71
C GLY B 237 27.80 2.62 21.62
N ASP B 238 28.58 1.56 21.81
CA ASP B 238 28.62 0.43 20.88
C ASP B 238 27.67 -0.68 21.30
N CYS B 239 26.70 -0.38 22.16
CA CYS B 239 25.85 -1.40 22.75
C CYS B 239 24.39 -1.01 22.65
N LEU B 240 23.53 -2.02 22.58
CA LEU B 240 22.08 -1.84 22.57
C LEU B 240 21.52 -2.44 23.85
N VAL B 241 21.02 -1.59 24.74
CA VAL B 241 20.69 -1.99 26.10
C VAL B 241 19.18 -2.13 26.22
N ILE B 242 18.74 -3.24 26.80
CA ILE B 242 17.33 -3.51 27.02
C ILE B 242 16.99 -3.18 28.46
N GLU B 243 15.97 -2.36 28.68
CA GLU B 243 15.50 -2.07 30.02
C GLU B 243 14.04 -2.45 30.15
N GLU B 244 13.64 -2.76 31.38
CA GLU B 244 12.32 -3.32 31.68
C GLU B 244 11.43 -2.34 32.41
N GLU B 245 11.87 -1.83 33.56
CA GLU B 245 11.15 -0.85 34.35
C GLU B 245 12.14 0.16 34.93
N ARG B 246 13.01 0.68 34.05
CA ARG B 246 14.26 1.35 34.38
C ARG B 246 15.29 0.36 34.89
N VAL B 247 15.02 -0.94 34.80
CA VAL B 247 15.96 -1.99 35.19
C VAL B 247 16.39 -2.77 33.96
N ARG B 248 17.67 -3.10 33.88
CA ARG B 248 18.27 -3.74 32.72
C ARG B 248 17.77 -5.16 32.55
N VAL B 249 17.81 -5.65 31.31
CA VAL B 249 17.46 -7.04 31.03
C VAL B 249 18.63 -7.74 30.36
N ALA B 250 19.08 -7.23 29.21
CA ALA B 250 20.11 -7.90 28.43
C ALA B 250 20.76 -6.89 27.51
N GLU B 251 21.73 -7.37 26.72
CA GLU B 251 22.49 -6.54 25.80
C GLU B 251 22.65 -7.26 24.47
N ALA B 252 22.91 -6.48 23.42
CA ALA B 252 23.22 -6.99 22.09
C ALA B 252 24.61 -6.57 21.63
N ARG B 253 24.90 -5.28 21.68
CA ARG B 253 26.20 -4.66 21.46
C ARG B 253 26.64 -4.62 20.01
N LEU B 254 25.72 -4.84 19.07
CA LEU B 254 25.81 -4.44 17.67
C LEU B 254 26.94 -5.09 16.90
N GLY B 255 27.78 -5.89 17.54
CA GLY B 255 28.86 -6.54 16.83
C GLY B 255 28.37 -7.82 16.20
N GLU B 256 27.67 -8.63 16.99
CA GLU B 256 27.02 -9.83 16.52
C GLU B 256 25.51 -9.66 16.37
N THR B 257 25.05 -8.51 15.90
CA THR B 257 23.63 -8.29 15.77
C THR B 257 23.15 -8.48 14.34
N SER B 258 21.85 -8.70 14.21
CA SER B 258 21.15 -8.79 12.95
C SER B 258 19.85 -8.06 13.24
N GLN B 259 18.79 -8.33 12.48
CA GLN B 259 17.54 -7.61 12.68
C GLN B 259 17.20 -7.52 14.16
N VAL B 260 16.69 -6.36 14.55
CA VAL B 260 16.16 -6.17 15.89
C VAL B 260 14.66 -6.30 15.79
N ALA B 261 14.10 -7.32 16.41
CA ALA B 261 12.67 -7.59 16.32
C ALA B 261 11.98 -7.05 17.56
N LEU B 262 11.07 -6.11 17.36
CA LEU B 262 10.38 -5.46 18.47
C LEU B 262 8.94 -5.95 18.47
N PHE B 263 8.48 -6.48 19.60
CA PHE B 263 7.11 -6.95 19.68
C PHE B 263 6.18 -5.82 20.11
N GLY B 264 4.92 -6.15 20.34
CA GLY B 264 3.89 -5.15 20.53
C GLY B 264 4.17 -4.12 21.60
N ASN B 265 4.16 -2.84 21.20
CA ASN B 265 4.37 -1.71 22.11
C ASN B 265 5.67 -1.83 22.89
N ALA B 266 6.69 -2.40 22.28
CA ALA B 266 8.03 -2.20 22.80
C ALA B 266 8.49 -0.80 22.39
N THR B 267 9.62 -0.36 22.91
CA THR B 267 10.09 0.99 22.57
C THR B 267 11.53 0.92 22.09
N LEU B 268 11.83 1.67 21.05
CA LEU B 268 13.18 1.77 20.49
C LEU B 268 13.52 3.25 20.34
N THR B 269 14.42 3.75 21.17
CA THR B 269 14.73 5.17 21.14
C THR B 269 15.26 5.57 19.77
N THR B 270 14.85 6.75 19.30
CA THR B 270 15.20 7.18 17.94
C THR B 270 16.69 7.25 17.75
N ALA B 271 17.46 7.54 18.79
CA ALA B 271 18.90 7.46 18.66
C ALA B 271 19.36 6.04 18.39
N ALA B 272 18.77 5.07 19.08
CA ALA B 272 19.09 3.68 18.79
C ALA B 272 18.66 3.29 17.40
N LEU B 273 17.50 3.79 16.97
CA LEU B 273 17.05 3.51 15.61
C LEU B 273 18.02 4.05 14.59
N HIS B 274 18.49 5.29 14.79
CA HIS B 274 19.45 5.86 13.86
C HIS B 274 20.75 5.08 13.86
N GLU B 275 21.19 4.62 15.02
CA GLU B 275 22.41 3.84 15.06
C GLU B 275 22.23 2.50 14.35
N CYS B 276 21.03 1.92 14.42
CA CYS B 276 20.77 0.72 13.64
C CYS B 276 20.80 1.00 12.15
N LEU B 277 20.17 2.11 11.73
CA LEU B 277 20.10 2.43 10.31
C LEU B 277 21.48 2.71 9.73
N ARG B 278 22.30 3.46 10.46
CA ARG B 278 23.64 3.77 9.98
C ARG B 278 24.45 2.51 9.78
N ARG B 279 24.20 1.48 10.57
CA ARG B 279 24.83 0.18 10.38
C ARG B 279 23.97 -0.78 9.57
N GLU B 280 22.83 -0.32 9.09
CA GLU B 280 22.10 -1.01 8.03
C GLU B 280 21.58 -2.35 8.51
N ILE B 281 20.89 -2.31 9.64
CA ILE B 281 20.36 -3.46 10.36
C ILE B 281 18.85 -3.45 10.23
N PRO B 282 18.23 -4.48 9.70
CA PRO B 282 16.80 -4.43 9.39
C PRO B 282 15.86 -4.58 10.59
N VAL B 283 15.61 -3.47 11.28
CA VAL B 283 14.66 -3.47 12.38
C VAL B 283 13.31 -3.94 11.88
N THR B 284 12.73 -4.95 12.53
CA THR B 284 11.45 -5.50 12.13
C THR B 284 10.47 -5.40 13.29
N TRP B 285 9.22 -5.08 12.97
CA TRP B 285 8.18 -4.84 13.96
C TRP B 285 7.17 -5.95 13.92
N LEU B 286 7.05 -6.70 15.00
CA LEU B 286 6.04 -7.74 15.13
C LEU B 286 5.00 -7.32 16.15
N SER B 287 3.79 -7.83 15.99
CA SER B 287 2.75 -7.58 16.97
C SER B 287 3.10 -8.24 18.29
N TYR B 288 2.24 -8.08 19.28
CA TYR B 288 2.52 -8.68 20.59
C TYR B 288 2.61 -10.19 20.47
N GLY B 289 1.67 -10.80 19.73
CA GLY B 289 1.72 -12.24 19.56
C GLY B 289 2.91 -12.69 18.76
N GLY B 290 3.27 -11.94 17.73
CA GLY B 290 4.32 -12.34 16.84
C GLY B 290 3.91 -12.15 15.39
N TRP B 291 2.74 -11.55 15.19
CA TRP B 291 2.31 -11.23 13.84
C TRP B 291 3.21 -10.18 13.24
N PHE B 292 3.68 -10.43 12.02
CA PHE B 292 4.54 -9.47 11.34
C PHE B 292 3.74 -8.23 10.94
N MET B 293 4.36 -7.06 11.09
CA MET B 293 3.68 -5.81 10.76
C MET B 293 4.47 -4.90 9.84
N GLY B 294 5.74 -5.17 9.61
CA GLY B 294 6.53 -4.33 8.72
C GLY B 294 7.98 -4.36 9.12
N HIS B 295 8.82 -3.89 8.21
CA HIS B 295 10.25 -3.79 8.43
C HIS B 295 10.63 -2.32 8.57
N THR B 296 11.93 -2.08 8.63
CA THR B 296 12.46 -0.71 8.59
C THR B 296 13.87 -0.82 8.06
N VAL B 297 14.03 -0.59 6.76
CA VAL B 297 15.32 -0.81 6.11
C VAL B 297 16.00 0.52 5.91
N SER B 298 17.32 0.48 5.79
CA SER B 298 18.14 1.66 5.61
C SER B 298 18.35 1.95 4.13
N THR B 299 18.57 3.22 3.83
CA THR B 299 18.79 3.66 2.45
C THR B 299 20.28 3.60 2.12
N GLY B 300 20.83 2.39 2.20
CA GLY B 300 22.21 2.18 1.84
C GLY B 300 22.34 0.97 0.93
N HIS B 301 23.50 0.87 0.31
CA HIS B 301 23.73 -0.22 -0.62
C HIS B 301 23.96 -1.51 0.05
N ARG B 302 23.66 -1.68 1.33
CA ARG B 302 23.96 -2.95 1.99
C ARG B 302 23.29 -4.09 1.26
N ASN B 303 22.03 -3.91 0.91
CA ASN B 303 21.19 -5.00 0.47
C ASN B 303 20.91 -4.95 -1.02
N VAL B 304 20.97 -3.76 -1.62
CA VAL B 304 20.76 -3.66 -3.04
C VAL B 304 21.80 -4.46 -3.79
N GLU B 305 22.98 -4.60 -3.21
CA GLU B 305 23.94 -5.56 -3.74
C GLU B 305 23.34 -6.96 -3.74
N THR B 306 22.70 -7.34 -2.64
CA THR B 306 22.08 -8.67 -2.60
C THR B 306 20.95 -8.77 -3.61
N ARG B 307 20.11 -7.73 -3.70
CA ARG B 307 19.02 -7.78 -4.66
C ARG B 307 19.53 -7.81 -6.09
N THR B 308 20.54 -7.01 -6.41
CA THR B 308 21.02 -7.03 -7.78
C THR B 308 21.72 -8.35 -8.09
N TYR B 309 22.37 -8.96 -7.10
CA TYR B 309 22.93 -10.28 -7.34
C TYR B 309 21.84 -11.30 -7.57
N GLN B 310 20.75 -11.22 -6.81
CA GLN B 310 19.65 -12.16 -7.01
C GLN B 310 19.05 -12.00 -8.40
N TYR B 311 18.82 -10.77 -8.84
CA TYR B 311 18.18 -10.58 -10.13
C TYR B 311 19.11 -10.92 -11.27
N GLN B 312 20.38 -10.54 -11.16
CA GLN B 312 21.33 -10.87 -12.21
C GLN B 312 21.55 -12.36 -12.30
N ARG B 313 21.46 -13.07 -11.18
CA ARG B 313 21.77 -14.49 -11.18
C ARG B 313 20.54 -15.36 -11.38
N SER B 314 19.33 -14.80 -11.25
CA SER B 314 18.15 -15.59 -11.51
C SER B 314 17.98 -15.91 -12.98
N PHE B 315 18.65 -15.19 -13.86
CA PHE B 315 18.55 -15.43 -15.29
C PHE B 315 19.43 -16.59 -15.75
N ASP B 316 20.22 -17.17 -14.86
CA ASP B 316 21.16 -18.21 -15.19
C ASP B 316 20.52 -19.60 -15.09
N PRO B 317 20.95 -20.54 -15.93
CA PRO B 317 20.42 -21.91 -15.85
C PRO B 317 20.97 -22.75 -14.70
N GLU B 318 22.29 -22.78 -14.44
CA GLU B 318 22.75 -23.52 -13.27
C GLU B 318 22.32 -22.88 -11.96
N THR B 319 22.23 -21.56 -11.86
CA THR B 319 21.75 -21.00 -10.61
C THR B 319 20.38 -21.57 -10.27
N CYS B 320 19.41 -21.38 -11.17
CA CYS B 320 18.07 -21.91 -10.95
C CYS B 320 18.13 -23.42 -10.73
N LEU B 321 18.79 -24.12 -11.65
CA LEU B 321 18.76 -25.58 -11.64
C LEU B 321 19.44 -26.15 -10.40
N ASN B 322 20.64 -25.65 -10.08
CA ASN B 322 21.42 -26.13 -8.96
C ASN B 322 20.70 -25.88 -7.64
N LEU B 323 20.25 -24.64 -7.40
CA LEU B 323 19.52 -24.43 -6.15
C LEU B 323 18.24 -25.24 -6.12
N ALA B 324 17.60 -25.45 -7.26
CA ALA B 324 16.39 -26.27 -7.27
C ALA B 324 16.70 -27.71 -6.90
N ARG B 325 17.79 -28.26 -7.45
CA ARG B 325 18.18 -29.62 -7.11
C ARG B 325 18.47 -29.74 -5.62
N ARG B 326 19.19 -28.78 -5.07
CA ARG B 326 19.49 -28.82 -3.65
C ARG B 326 18.22 -28.74 -2.83
N TRP B 327 17.31 -27.84 -3.18
CA TRP B 327 16.08 -27.70 -2.41
C TRP B 327 15.26 -28.98 -2.45
N ILE B 328 15.17 -29.60 -3.61
CA ILE B 328 14.35 -30.81 -3.72
C ILE B 328 15.00 -31.96 -2.96
N VAL B 329 16.31 -32.15 -3.09
CA VAL B 329 16.94 -33.24 -2.37
C VAL B 329 16.79 -33.04 -0.87
N ALA B 330 16.88 -31.79 -0.40
CA ALA B 330 16.68 -31.52 1.01
C ALA B 330 15.24 -31.81 1.44
N LYS B 331 14.28 -31.44 0.60
CA LYS B 331 12.88 -31.69 0.93
C LYS B 331 12.62 -33.20 1.04
N ILE B 332 13.15 -33.97 0.09
CA ILE B 332 12.98 -35.42 0.11
C ILE B 332 13.63 -36.01 1.35
N ALA B 333 14.84 -35.55 1.66
CA ALA B 333 15.54 -36.07 2.83
C ALA B 333 14.78 -35.76 4.10
N ASN B 334 14.25 -34.55 4.22
CA ASN B 334 13.43 -34.23 5.37
C ASN B 334 12.19 -35.12 5.44
N CYS B 335 11.59 -35.40 4.29
CA CYS B 335 10.40 -36.26 4.27
C CYS B 335 10.73 -37.66 4.78
N ARG B 336 11.82 -38.25 4.29
CA ARG B 336 12.14 -39.62 4.70
C ARG B 336 12.63 -39.66 6.15
N THR B 337 13.33 -38.61 6.58
CA THR B 337 13.71 -38.53 7.98
C THR B 337 12.48 -38.41 8.86
N LEU B 338 11.48 -37.65 8.42
CA LEU B 338 10.23 -37.58 9.17
C LEU B 338 9.49 -38.91 9.14
N LEU B 339 9.64 -39.68 8.07
CA LEU B 339 9.13 -41.05 8.06
C LEU B 339 9.77 -41.87 9.17
N ARG B 340 11.10 -41.87 9.22
CA ARG B 340 11.79 -42.65 10.23
C ARG B 340 11.63 -42.07 11.63
N ARG B 341 11.22 -40.81 11.75
CA ARG B 341 10.96 -40.22 13.06
C ARG B 341 9.60 -40.63 13.57
N ASN B 342 8.55 -40.33 12.80
CA ASN B 342 7.18 -40.27 13.28
C ASN B 342 6.33 -41.42 12.78
N TRP B 343 6.94 -42.48 12.26
CA TRP B 343 6.17 -43.62 11.80
C TRP B 343 5.43 -44.23 12.98
N ARG B 344 4.11 -44.31 12.89
CA ARG B 344 3.30 -44.81 13.97
C ARG B 344 2.44 -45.99 13.54
N GLY B 345 2.96 -46.80 12.62
CA GLY B 345 2.35 -48.09 12.34
C GLY B 345 2.67 -49.05 13.48
N GLU B 346 2.28 -48.64 14.69
CA GLU B 346 2.75 -49.29 15.90
C GLU B 346 1.97 -50.57 16.19
N GLY B 347 2.66 -51.52 16.80
CA GLY B 347 2.08 -52.80 17.13
C GLY B 347 2.60 -53.94 16.28
N ASP B 348 2.73 -53.69 14.97
CA ASP B 348 3.20 -54.72 14.05
C ASP B 348 4.19 -54.24 13.01
N GLU B 349 4.33 -52.94 12.78
CA GLU B 349 5.16 -52.39 11.73
C GLU B 349 5.99 -51.23 12.26
N ALA B 350 6.68 -51.48 13.38
CA ALA B 350 7.44 -50.43 14.07
C ALA B 350 8.35 -49.65 13.12
N LYS B 351 8.77 -50.27 12.02
CA LYS B 351 9.59 -49.60 11.03
C LYS B 351 8.81 -49.43 9.73
N ALA B 352 9.09 -48.33 9.04
CA ALA B 352 8.56 -48.14 7.71
C ALA B 352 9.13 -49.21 6.78
N PRO B 353 8.40 -49.56 5.72
CA PRO B 353 8.93 -50.51 4.74
C PRO B 353 10.23 -49.99 4.14
N PRO B 354 11.34 -50.68 4.38
CA PRO B 354 12.62 -50.19 3.82
C PRO B 354 12.64 -50.13 2.31
N GLY B 355 11.73 -50.83 1.64
CA GLY B 355 11.56 -50.64 0.21
C GLY B 355 11.13 -49.22 -0.12
N LEU B 356 10.23 -48.65 0.69
CA LEU B 356 9.87 -47.25 0.53
C LEU B 356 11.06 -46.34 0.76
N LEU B 357 11.85 -46.63 1.80
CA LEU B 357 13.01 -45.80 2.11
C LEU B 357 14.06 -45.88 1.01
N MET B 358 14.31 -47.09 0.49
CA MET B 358 15.19 -47.22 -0.65
C MET B 358 14.63 -46.49 -1.87
N SER B 359 13.32 -46.55 -2.07
CA SER B 359 12.70 -45.84 -3.20
C SER B 359 12.93 -44.34 -3.09
N LEU B 360 12.72 -43.79 -1.90
CA LEU B 360 12.92 -42.34 -1.73
C LEU B 360 14.39 -41.97 -1.81
N GLN B 361 15.28 -42.85 -1.36
CA GLN B 361 16.70 -42.61 -1.55
C GLN B 361 17.02 -42.56 -3.04
N ASP B 362 16.46 -43.48 -3.82
CA ASP B 362 16.70 -43.47 -5.26
C ASP B 362 16.17 -42.21 -5.89
N ASP B 363 14.97 -41.79 -5.49
CA ASP B 363 14.42 -40.54 -6.00
C ASP B 363 15.28 -39.36 -5.60
N MET B 364 15.89 -39.41 -4.42
CA MET B 364 16.78 -38.34 -4.00
C MET B 364 18.00 -38.26 -4.91
N ARG B 365 18.58 -39.41 -5.27
CA ARG B 365 19.69 -39.36 -6.21
C ARG B 365 19.23 -38.80 -7.54
N HIS B 366 18.04 -39.23 -7.99
CA HIS B 366 17.51 -38.72 -9.26
C HIS B 366 17.39 -37.20 -9.22
N ALA B 367 16.92 -36.67 -8.09
CA ALA B 367 16.83 -35.22 -7.93
C ALA B 367 18.22 -34.59 -7.91
N MET B 368 19.21 -35.30 -7.38
CA MET B 368 20.60 -34.82 -7.47
C MET B 368 21.02 -34.67 -8.92
N ARG B 369 20.64 -35.62 -9.77
CA ARG B 369 21.05 -35.61 -11.17
C ARG B 369 19.88 -35.39 -12.13
N ALA B 370 18.95 -34.51 -11.78
CA ALA B 370 17.93 -34.12 -12.75
C ALA B 370 18.57 -33.27 -13.85
N PRO B 371 18.16 -33.45 -15.09
CA PRO B 371 18.78 -32.67 -16.18
C PRO B 371 18.31 -31.23 -16.25
N SER B 372 17.01 -31.00 -16.09
CA SER B 372 16.46 -29.66 -16.26
C SER B 372 15.28 -29.47 -15.33
N LEU B 373 14.75 -28.24 -15.32
CA LEU B 373 13.78 -27.85 -14.31
C LEU B 373 12.47 -28.64 -14.43
N GLU B 374 11.99 -28.88 -15.65
CA GLU B 374 10.71 -29.56 -15.79
C GLU B 374 10.81 -31.02 -15.35
N VAL B 375 11.94 -31.66 -15.63
CA VAL B 375 12.14 -33.02 -15.14
C VAL B 375 12.13 -33.03 -13.63
N LEU B 376 12.81 -32.05 -13.02
CA LEU B 376 12.84 -31.97 -11.57
C LEU B 376 11.45 -31.74 -11.02
N LEU B 377 10.64 -30.92 -11.69
CA LEU B 377 9.29 -30.69 -11.22
C LEU B 377 8.46 -31.97 -11.27
N GLY B 378 8.58 -32.72 -12.36
CA GLY B 378 7.84 -33.96 -12.46
C GLY B 378 8.27 -34.97 -11.40
N ILE B 379 9.58 -35.11 -11.22
CA ILE B 379 10.08 -36.07 -10.26
C ILE B 379 9.72 -35.65 -8.84
N GLU B 380 9.75 -34.34 -8.56
CA GLU B 380 9.35 -33.83 -7.27
C GLU B 380 7.90 -34.16 -6.97
N GLY B 381 7.03 -33.92 -7.95
CA GLY B 381 5.63 -34.25 -7.76
C GLY B 381 5.46 -35.73 -7.48
N ALA B 382 6.15 -36.57 -8.24
CA ALA B 382 6.06 -38.00 -8.00
C ALA B 382 6.44 -38.34 -6.57
N SER B 383 7.65 -37.96 -6.15
CA SER B 383 8.15 -38.36 -4.85
C SER B 383 7.28 -37.82 -3.72
N ALA B 384 6.82 -36.58 -3.85
CA ALA B 384 5.93 -36.03 -2.83
C ALA B 384 4.63 -36.81 -2.77
N GLY B 385 4.11 -37.24 -3.92
CA GLY B 385 2.92 -38.07 -3.90
C GLY B 385 3.15 -39.39 -3.19
N ARG B 386 4.29 -40.04 -3.44
CA ARG B 386 4.49 -41.34 -2.81
C ARG B 386 4.79 -41.19 -1.32
N TYR B 387 5.32 -40.04 -0.92
CA TYR B 387 5.34 -39.70 0.52
C TYR B 387 3.94 -39.51 1.08
N PHE B 388 3.09 -38.77 0.39
CA PHE B 388 1.75 -38.58 0.92
C PHE B 388 0.96 -39.86 0.90
N GLN B 389 1.40 -40.86 0.13
CA GLN B 389 0.72 -42.14 0.17
C GLN B 389 0.75 -42.74 1.57
N HIS B 390 1.86 -42.55 2.28
CA HIS B 390 1.99 -43.06 3.64
C HIS B 390 1.94 -41.95 4.67
N PHE B 391 1.60 -40.74 4.26
CA PHE B 391 1.36 -39.71 5.26
C PHE B 391 0.26 -40.13 6.24
N SER B 392 -0.84 -40.71 5.75
CA SER B 392 -1.92 -41.13 6.65
C SER B 392 -1.49 -42.29 7.53
N ARG B 393 -0.43 -42.99 7.13
CA ARG B 393 0.18 -44.03 7.95
C ARG B 393 0.77 -43.46 9.23
N MET B 394 0.97 -42.14 9.28
CA MET B 394 1.63 -41.48 10.40
C MET B 394 0.67 -40.92 11.42
N LEU B 395 -0.62 -41.22 11.32
CA LEU B 395 -1.61 -40.63 12.21
C LEU B 395 -1.57 -41.35 13.55
N ARG B 396 -2.60 -41.18 14.38
CA ARG B 396 -2.56 -41.70 15.74
C ARG B 396 -2.42 -43.22 15.79
N GLY B 397 -2.24 -43.87 14.65
CA GLY B 397 -1.91 -45.28 14.60
C GLY B 397 -2.58 -46.01 13.46
N GLY B 398 -3.76 -45.55 13.07
CA GLY B 398 -4.49 -46.12 11.96
C GLY B 398 -5.10 -45.03 11.08
N ASP B 399 -6.01 -45.48 10.21
CA ASP B 399 -6.79 -44.53 9.43
C ASP B 399 -7.61 -43.65 10.36
N GLY B 400 -7.64 -42.36 10.05
CA GLY B 400 -8.27 -41.41 10.93
C GLY B 400 -9.73 -41.16 10.62
N GLU B 401 -10.54 -42.21 10.56
CA GLU B 401 -11.97 -42.08 10.23
C GLU B 401 -12.59 -40.90 10.96
N GLY B 402 -13.19 -40.00 10.19
CA GLY B 402 -13.54 -38.68 10.63
C GLY B 402 -12.52 -37.64 10.22
N MET B 403 -11.29 -38.06 9.91
CA MET B 403 -10.26 -37.21 9.32
C MET B 403 -9.67 -38.02 8.17
N GLY B 404 -10.31 -37.95 7.01
CA GLY B 404 -9.87 -38.72 5.86
C GLY B 404 -8.87 -37.93 5.05
N PHE B 405 -7.86 -38.62 4.55
CA PHE B 405 -6.80 -38.01 3.76
C PHE B 405 -6.84 -38.58 2.34
N ASP B 406 -6.87 -37.70 1.36
CA ASP B 406 -6.91 -38.10 -0.05
C ASP B 406 -5.52 -37.99 -0.65
N PHE B 407 -5.05 -39.09 -1.24
CA PHE B 407 -3.70 -39.15 -1.78
C PHE B 407 -3.58 -38.35 -3.06
N THR B 408 -4.68 -38.10 -3.75
CA THR B 408 -4.65 -37.56 -5.11
C THR B 408 -5.24 -36.17 -5.23
N THR B 409 -6.23 -35.82 -4.42
CA THR B 409 -6.84 -34.50 -4.50
C THR B 409 -6.01 -33.44 -3.82
N ARG B 410 -4.71 -33.70 -3.70
CA ARG B 410 -3.78 -32.76 -3.10
C ARG B 410 -3.94 -31.37 -3.70
N ASN B 411 -3.73 -30.37 -2.85
CA ASN B 411 -3.40 -29.00 -3.25
C ASN B 411 -4.38 -28.35 -4.22
N ARG B 412 -5.60 -28.85 -4.34
CA ARG B 412 -6.59 -28.06 -5.05
C ARG B 412 -7.06 -26.92 -4.17
N ARG B 413 -7.37 -25.78 -4.80
CA ARG B 413 -7.49 -24.52 -4.07
C ARG B 413 -8.45 -24.60 -2.90
N PRO B 414 -9.65 -25.15 -3.02
CA PRO B 414 -10.44 -25.43 -1.82
C PRO B 414 -10.03 -26.75 -1.22
N PRO B 415 -9.92 -26.81 0.08
CA PRO B 415 -9.55 -28.09 0.71
C PRO B 415 -10.70 -29.06 0.77
N LYS B 416 -10.57 -30.21 0.10
CA LYS B 416 -11.66 -31.19 0.10
C LYS B 416 -11.58 -32.20 1.22
N ASP B 417 -10.52 -32.18 2.03
CA ASP B 417 -10.37 -33.07 3.17
C ASP B 417 -9.94 -32.29 4.40
N PRO B 418 -10.35 -32.75 5.58
CA PRO B 418 -9.90 -32.08 6.81
C PRO B 418 -8.39 -32.10 6.98
N VAL B 419 -7.76 -33.25 6.71
CA VAL B 419 -6.30 -33.29 6.77
C VAL B 419 -5.70 -32.38 5.71
N ASN B 420 -6.28 -32.36 4.52
CA ASN B 420 -5.78 -31.46 3.50
C ASN B 420 -6.07 -30.00 3.85
N ALA B 421 -7.15 -29.73 4.56
CA ALA B 421 -7.38 -28.37 5.03
C ALA B 421 -6.28 -27.94 5.99
N LEU B 422 -5.94 -28.81 6.94
CA LEU B 422 -4.83 -28.49 7.83
C LEU B 422 -3.54 -28.29 7.05
N LEU B 423 -3.26 -29.17 6.09
CA LEU B 423 -2.03 -29.07 5.32
C LEU B 423 -1.95 -27.75 4.58
N SER B 424 -3.04 -27.35 3.92
CA SER B 424 -3.02 -26.11 3.17
C SER B 424 -2.85 -24.91 4.07
N PHE B 425 -3.54 -24.90 5.22
CA PHE B 425 -3.42 -23.76 6.11
C PHE B 425 -2.01 -23.65 6.69
N ALA B 426 -1.42 -24.79 7.08
CA ALA B 426 -0.05 -24.77 7.56
C ALA B 426 0.91 -24.30 6.48
N TYR B 427 0.70 -24.76 5.24
CA TYR B 427 1.54 -24.33 4.14
C TYR B 427 1.46 -22.83 3.93
N ALA B 428 0.26 -22.27 4.02
CA ALA B 428 0.12 -20.84 3.84
C ALA B 428 0.83 -20.06 4.93
N MET B 429 0.70 -20.49 6.18
CA MET B 429 1.40 -19.78 7.24
C MET B 429 2.91 -19.90 7.10
N LEU B 430 3.40 -21.07 6.71
CA LEU B 430 4.82 -21.22 6.48
C LEU B 430 5.30 -20.32 5.36
N THR B 431 4.50 -20.20 4.30
CA THR B 431 4.86 -19.30 3.21
C THR B 431 4.95 -17.86 3.71
N ARG B 432 4.01 -17.43 4.56
CA ARG B 432 4.08 -16.07 5.09
C ARG B 432 5.34 -15.85 5.91
N GLU B 433 5.66 -16.80 6.80
CA GLU B 433 6.88 -16.68 7.60
C GLU B 433 8.10 -16.56 6.72
N TRP B 434 8.19 -17.39 5.69
CA TRP B 434 9.32 -17.33 4.78
C TRP B 434 9.35 -16.02 4.02
N THR B 435 8.21 -15.47 3.65
CA THR B 435 8.18 -14.19 2.96
C THR B 435 8.78 -13.10 3.83
N VAL B 436 8.34 -13.02 5.09
CA VAL B 436 8.84 -11.95 5.94
C VAL B 436 10.31 -12.16 6.27
N ALA B 437 10.73 -13.41 6.45
CA ALA B 437 12.15 -13.66 6.70
C ALA B 437 13.00 -13.26 5.50
N LEU B 438 12.55 -13.58 4.29
CA LEU B 438 13.30 -13.22 3.11
C LEU B 438 13.36 -11.72 2.92
N ALA B 439 12.25 -11.03 3.16
CA ALA B 439 12.26 -9.58 3.00
C ALA B 439 13.07 -8.90 4.09
N ALA B 440 13.24 -9.54 5.25
CA ALA B 440 14.08 -8.96 6.29
C ALA B 440 15.50 -8.77 5.78
N VAL B 441 16.08 -9.81 5.24
CA VAL B 441 17.30 -9.64 4.48
C VAL B 441 16.97 -8.90 3.19
N GLY B 442 17.98 -8.34 2.55
CA GLY B 442 17.72 -7.63 1.33
C GLY B 442 17.47 -8.54 0.14
N LEU B 443 16.34 -9.21 0.12
CA LEU B 443 16.00 -10.10 -0.97
C LEU B 443 14.59 -9.81 -1.44
N ASP B 444 14.35 -10.02 -2.73
CA ASP B 444 13.02 -9.84 -3.28
C ASP B 444 12.32 -11.17 -3.23
N PRO B 445 11.36 -11.38 -2.33
CA PRO B 445 10.73 -12.71 -2.23
C PRO B 445 9.95 -13.09 -3.46
N TYR B 446 9.65 -12.16 -4.35
CA TYR B 446 8.76 -12.41 -5.46
C TYR B 446 9.49 -12.78 -6.74
N ARG B 447 10.80 -12.97 -6.69
CA ARG B 447 11.58 -13.36 -7.87
C ARG B 447 12.26 -14.69 -7.56
N GLY B 448 11.68 -15.78 -8.04
CA GLY B 448 12.13 -17.09 -7.66
C GLY B 448 13.08 -17.71 -8.66
N PHE B 449 13.80 -18.72 -8.19
CA PHE B 449 14.72 -19.47 -9.05
C PHE B 449 14.10 -20.72 -9.63
N TYR B 450 13.18 -21.35 -8.91
CA TYR B 450 12.58 -22.61 -9.33
C TYR B 450 11.11 -22.47 -9.67
N HIS B 451 10.33 -21.81 -8.83
CA HIS B 451 8.91 -21.64 -9.10
C HIS B 451 8.74 -20.53 -10.15
N GLN B 452 7.51 -20.12 -10.40
CA GLN B 452 7.34 -19.11 -11.43
C GLN B 452 6.91 -17.80 -10.81
N PRO B 453 7.40 -16.68 -11.33
CA PRO B 453 7.36 -15.42 -10.57
C PRO B 453 6.03 -14.70 -10.48
N ARG B 454 5.27 -14.61 -11.56
CA ARG B 454 4.23 -13.59 -11.65
C ARG B 454 2.97 -14.03 -10.92
N PHE B 455 1.88 -13.30 -11.14
CA PHE B 455 0.55 -13.50 -10.58
C PHE B 455 0.47 -13.21 -9.09
N GLY B 456 1.49 -12.58 -8.52
CA GLY B 456 1.47 -12.30 -7.10
C GLY B 456 1.98 -13.42 -6.21
N ARG B 457 2.43 -14.50 -6.79
CA ARG B 457 2.95 -15.60 -5.99
C ARG B 457 4.35 -15.24 -5.48
N PRO B 458 4.60 -15.42 -4.20
CA PRO B 458 5.98 -15.24 -3.72
C PRO B 458 6.83 -16.37 -4.23
N ALA B 459 7.63 -16.14 -5.24
CA ALA B 459 8.29 -17.25 -5.90
C ALA B 459 9.60 -17.64 -5.25
N LEU B 460 10.07 -16.88 -4.28
CA LEU B 460 11.26 -17.29 -3.54
C LEU B 460 10.91 -17.89 -2.19
N ALA B 461 9.86 -17.41 -1.54
CA ALA B 461 9.32 -18.12 -0.39
C ALA B 461 8.88 -19.52 -0.79
N LEU B 462 8.18 -19.64 -1.91
CA LEU B 462 7.76 -20.95 -2.39
C LEU B 462 8.97 -21.80 -2.76
N ASP B 463 10.05 -21.17 -3.21
CA ASP B 463 11.22 -21.95 -3.58
C ASP B 463 11.95 -22.47 -2.34
N MET B 464 12.01 -21.67 -1.28
CA MET B 464 12.84 -22.03 -0.15
C MET B 464 12.09 -22.77 0.94
N MET B 465 10.77 -22.64 1.00
CA MET B 465 10.01 -23.38 1.98
C MET B 465 9.95 -24.87 1.69
N GLU B 466 10.43 -25.30 0.52
CA GLU B 466 10.33 -26.72 0.18
C GLU B 466 11.05 -27.62 1.17
N PRO B 467 12.32 -27.37 1.53
CA PRO B 467 12.93 -28.21 2.57
C PRO B 467 12.19 -28.16 3.89
N PHE B 468 11.55 -27.04 4.20
CA PHE B 468 10.94 -26.84 5.50
C PHE B 468 9.49 -27.29 5.56
N ARG B 469 8.93 -27.79 4.47
CA ARG B 469 7.56 -28.29 4.52
C ARG B 469 7.40 -29.41 5.52
N PRO B 470 8.21 -30.48 5.49
CA PRO B 470 8.03 -31.54 6.49
C PRO B 470 8.31 -31.08 7.91
N LEU B 471 9.25 -30.17 8.10
CA LEU B 471 9.68 -29.86 9.46
C LEU B 471 8.70 -28.94 10.17
N ILE B 472 8.02 -28.05 9.46
CA ILE B 472 7.18 -27.06 10.11
C ILE B 472 5.71 -27.22 9.75
N ALA B 473 5.37 -27.73 8.57
CA ALA B 473 3.98 -27.87 8.18
C ALA B 473 3.45 -29.27 8.46
N ASP B 474 4.06 -30.29 7.85
CA ASP B 474 3.70 -31.67 8.18
C ASP B 474 3.87 -31.93 9.67
N SER B 475 4.96 -31.43 10.25
CA SER B 475 5.20 -31.66 11.68
C SER B 475 4.14 -30.99 12.52
N THR B 476 3.74 -29.77 12.16
CA THR B 476 2.71 -29.09 12.94
C THR B 476 1.38 -29.82 12.85
N VAL B 477 1.02 -30.29 11.66
CA VAL B 477 -0.24 -31.02 11.51
C VAL B 477 -0.19 -32.30 12.33
N LEU B 478 0.92 -33.03 12.25
CA LEU B 478 1.04 -34.25 13.04
C LEU B 478 0.96 -33.95 14.53
N MET B 479 1.63 -32.89 14.98
CA MET B 479 1.55 -32.48 16.38
C MET B 479 0.10 -32.26 16.78
N ALA B 480 -0.62 -31.43 16.03
CA ALA B 480 -1.95 -31.02 16.42
C ALA B 480 -2.99 -32.10 16.19
N ILE B 481 -2.65 -33.18 15.49
CA ILE B 481 -3.64 -34.23 15.27
C ILE B 481 -3.35 -35.42 16.19
N ASN B 482 -2.09 -35.60 16.58
CA ASN B 482 -1.76 -36.64 17.54
C ASN B 482 -1.86 -36.14 18.96
N ASN B 483 -2.05 -34.84 19.15
CA ASN B 483 -2.32 -34.29 20.48
C ASN B 483 -3.80 -34.00 20.69
N GLY B 484 -4.66 -34.47 19.79
CA GLY B 484 -6.09 -34.27 19.95
C GLY B 484 -6.55 -32.84 19.82
N GLU B 485 -5.68 -31.92 19.40
CA GLU B 485 -6.07 -30.52 19.30
C GLU B 485 -7.10 -30.32 18.20
N ILE B 486 -7.03 -31.11 17.14
CA ILE B 486 -7.92 -30.98 15.99
C ILE B 486 -8.77 -32.23 15.91
N ARG B 487 -10.09 -32.05 15.89
CA ARG B 487 -11.01 -33.17 15.87
C ARG B 487 -12.06 -32.95 14.78
N THR B 488 -12.80 -34.03 14.48
CA THR B 488 -13.74 -34.00 13.37
C THR B 488 -14.80 -32.92 13.55
N GLY B 489 -15.10 -32.53 14.79
CA GLY B 489 -16.09 -31.51 15.02
C GLY B 489 -15.64 -30.11 14.64
N ASP B 490 -14.35 -29.93 14.37
CA ASP B 490 -13.81 -28.62 14.06
C ASP B 490 -14.00 -28.20 12.62
N PHE B 491 -14.50 -29.09 11.76
CA PHE B 491 -14.56 -28.89 10.33
C PHE B 491 -15.99 -28.64 9.87
N VAL B 492 -16.13 -27.90 8.77
CA VAL B 492 -17.40 -27.71 8.08
C VAL B 492 -17.18 -28.13 6.64
N ARG B 493 -18.09 -28.96 6.13
CA ARG B 493 -17.96 -29.50 4.78
C ARG B 493 -19.08 -28.95 3.91
N SER B 494 -18.74 -28.56 2.69
CA SER B 494 -19.71 -27.92 1.80
C SER B 494 -19.36 -28.29 0.37
N ALA B 495 -20.03 -29.32 -0.14
CA ALA B 495 -20.08 -29.61 -1.58
C ALA B 495 -18.69 -29.62 -2.20
N GLY B 496 -17.72 -30.11 -1.43
CA GLY B 496 -16.36 -30.14 -1.89
C GLY B 496 -15.44 -29.13 -1.24
N GLY B 497 -15.72 -28.71 -0.03
CA GLY B 497 -14.79 -27.90 0.72
C GLY B 497 -14.85 -28.19 2.21
N CYS B 498 -13.72 -28.55 2.81
CA CYS B 498 -13.62 -28.80 4.24
C CYS B 498 -12.80 -27.68 4.85
N ASN B 499 -13.44 -26.80 5.62
CA ASN B 499 -12.75 -25.65 6.19
C ASN B 499 -12.90 -25.64 7.70
N LEU B 500 -11.90 -25.10 8.37
CA LEU B 500 -11.85 -25.06 9.83
C LEU B 500 -12.86 -24.05 10.38
N THR B 501 -13.17 -24.20 11.67
CA THR B 501 -13.97 -23.25 12.40
C THR B 501 -13.05 -22.30 13.17
N ASP B 502 -13.60 -21.12 13.48
CA ASP B 502 -12.75 -20.04 14.00
C ASP B 502 -11.97 -20.47 15.24
N SER B 503 -12.66 -21.05 16.22
CA SER B 503 -11.98 -21.53 17.41
C SER B 503 -10.89 -22.51 17.04
N ALA B 504 -11.21 -23.44 16.14
CA ALA B 504 -10.22 -24.37 15.63
C ALA B 504 -9.13 -23.67 14.84
N ARG B 505 -9.48 -22.67 14.04
CA ARG B 505 -8.47 -21.94 13.29
C ARG B 505 -7.40 -21.36 14.22
N LYS B 506 -7.81 -20.65 15.26
CA LYS B 506 -6.80 -19.99 16.10
C LYS B 506 -6.17 -20.94 17.11
N ARG B 507 -6.82 -22.03 17.48
CA ARG B 507 -6.11 -23.10 18.18
C ARG B 507 -4.99 -23.64 17.32
N PHE B 508 -5.26 -23.83 16.02
CA PHE B 508 -4.21 -24.31 15.13
C PHE B 508 -3.13 -23.25 14.94
N ILE B 509 -3.49 -21.97 14.95
CA ILE B 509 -2.47 -20.93 14.90
C ILE B 509 -1.56 -20.99 16.12
N ALA B 510 -2.14 -21.21 17.30
CA ALA B 510 -1.33 -21.39 18.49
C ALA B 510 -0.41 -22.59 18.33
N GLY B 511 -0.92 -23.68 17.76
CA GLY B 511 -0.09 -24.84 17.53
C GLY B 511 1.06 -24.57 16.57
N PHE B 512 0.79 -23.79 15.53
CA PHE B 512 1.84 -23.45 14.57
C PHE B 512 2.91 -22.60 15.26
N GLU B 513 2.48 -21.66 16.10
CA GLU B 513 3.46 -20.97 16.95
C GLU B 513 4.29 -21.97 17.72
N ARG B 514 3.65 -22.87 18.47
CA ARG B 514 4.38 -23.77 19.35
C ARG B 514 5.41 -24.58 18.57
N ARG B 515 5.08 -24.96 17.34
CA ARG B 515 6.09 -25.63 16.53
C ARG B 515 7.16 -24.66 16.06
N MET B 516 6.82 -23.39 15.85
CA MET B 516 7.82 -22.42 15.45
C MET B 516 8.71 -21.99 16.61
N GLU B 517 8.35 -22.33 17.84
CA GLU B 517 9.13 -21.94 18.99
C GLU B 517 10.20 -22.96 19.36
N GLN B 518 10.18 -24.14 18.76
CA GLN B 518 11.11 -25.17 19.16
C GLN B 518 12.52 -24.81 18.73
N GLU B 519 13.49 -25.39 19.42
CA GLU B 519 14.89 -25.12 19.16
C GLU B 519 15.48 -26.29 18.38
N VAL B 520 16.18 -25.98 17.29
CA VAL B 520 17.00 -26.97 16.62
C VAL B 520 18.38 -26.36 16.44
N THR B 521 19.39 -27.23 16.48
CA THR B 521 20.75 -26.83 16.83
C THR B 521 21.69 -26.58 15.66
N HIS B 522 21.46 -27.20 14.51
CA HIS B 522 22.53 -27.42 13.53
C HIS B 522 22.17 -26.84 12.17
N PRO B 523 22.33 -25.52 11.95
CA PRO B 523 22.41 -25.04 10.56
C PRO B 523 23.70 -25.51 9.91
N ILE B 524 24.82 -24.98 10.40
CA ILE B 524 26.13 -25.60 10.26
C ILE B 524 26.89 -25.40 11.56
N PHE B 525 26.41 -24.47 12.39
CA PHE B 525 27.02 -24.10 13.65
C PHE B 525 26.03 -24.40 14.77
N LYS B 526 26.47 -25.14 15.77
CA LYS B 526 25.55 -25.80 16.70
C LYS B 526 25.24 -24.87 17.86
N TYR B 527 24.13 -24.13 17.77
CA TYR B 527 23.77 -23.24 18.87
C TYR B 527 22.26 -23.11 19.11
N THR B 528 21.48 -24.12 18.73
CA THR B 528 20.10 -24.29 19.21
C THR B 528 19.25 -23.02 19.03
N ILE B 529 19.03 -22.70 17.75
CA ILE B 529 18.18 -21.55 17.42
C ILE B 529 16.72 -22.00 17.38
N SER B 530 15.83 -21.05 17.63
CA SER B 530 14.44 -21.27 17.34
C SER B 530 14.22 -21.30 15.84
N TYR B 531 13.12 -21.93 15.41
CA TYR B 531 12.88 -22.06 13.97
C TYR B 531 12.77 -20.70 13.31
N ARG B 532 12.06 -19.77 13.95
CA ARG B 532 11.83 -18.46 13.37
C ARG B 532 13.13 -17.69 13.14
N ARG B 533 14.20 -18.05 13.84
CA ARG B 533 15.51 -17.47 13.57
C ARG B 533 16.34 -18.33 12.64
N LEU B 534 16.10 -19.63 12.63
CA LEU B 534 16.74 -20.48 11.64
C LEU B 534 16.36 -20.04 10.23
N LEU B 535 15.13 -19.55 10.06
CA LEU B 535 14.74 -19.03 8.75
C LEU B 535 15.66 -17.91 8.30
N GLU B 536 15.93 -16.94 9.18
CA GLU B 536 16.82 -15.86 8.81
C GLU B 536 18.23 -16.37 8.57
N VAL B 537 18.68 -17.32 9.38
CA VAL B 537 20.02 -17.86 9.17
C VAL B 537 20.12 -18.45 7.77
N GLN B 538 19.08 -19.17 7.34
CA GLN B 538 19.09 -19.73 6.00
C GLN B 538 19.06 -18.65 4.94
N ALA B 539 18.25 -17.61 5.14
CA ALA B 539 18.18 -16.54 4.14
C ALA B 539 19.52 -15.84 4.00
N ARG B 540 20.17 -15.55 5.13
CA ARG B 540 21.49 -14.93 5.08
C ARG B 540 22.48 -15.85 4.40
N LEU B 541 22.40 -17.14 4.68
CA LEU B 541 23.25 -18.09 3.97
C LEU B 541 23.01 -18.02 2.47
N LEU B 542 21.77 -17.77 2.06
CA LEU B 542 21.48 -17.69 0.63
C LEU B 542 22.13 -16.46 0.01
N THR B 543 21.92 -15.30 0.62
CA THR B 543 22.55 -14.09 0.09
C THR B 543 24.07 -14.22 0.12
N ARG B 544 24.58 -15.03 1.05
CA ARG B 544 26.01 -15.20 1.17
C ARG B 544 26.53 -16.17 0.12
N TYR B 545 25.71 -17.13 -0.28
CA TYR B 545 26.03 -17.95 -1.44
C TYR B 545 26.05 -17.10 -2.70
N LEU B 546 25.01 -16.33 -2.92
CA LEU B 546 25.04 -15.33 -3.96
C LEU B 546 26.18 -14.36 -3.67
N SER B 547 26.62 -13.66 -4.71
CA SER B 547 27.76 -12.75 -4.62
C SER B 547 29.07 -13.50 -4.34
N GLY B 548 29.00 -14.81 -4.21
CA GLY B 548 30.19 -15.62 -4.16
C GLY B 548 31.00 -15.51 -2.88
N GLU B 549 30.40 -15.89 -1.76
CA GLU B 549 31.15 -16.13 -0.55
C GLU B 549 31.28 -17.64 -0.28
N ILE B 550 30.17 -18.33 -0.18
CA ILE B 550 30.15 -19.76 0.15
C ILE B 550 29.52 -20.54 -0.99
N PRO B 551 30.27 -21.45 -1.63
CA PRO B 551 29.69 -22.22 -2.74
C PRO B 551 28.54 -23.10 -2.28
N ALA B 552 27.50 -23.15 -3.10
CA ALA B 552 26.51 -24.24 -3.11
C ALA B 552 25.57 -24.22 -1.93
N TYR B 553 25.45 -23.08 -1.22
CA TYR B 553 24.33 -22.85 -0.29
C TYR B 553 24.06 -24.02 0.65
N PRO B 554 24.76 -24.14 1.76
CA PRO B 554 24.66 -25.36 2.57
C PRO B 554 23.31 -25.51 3.24
N ASN B 555 22.37 -26.11 2.51
CA ASN B 555 21.00 -26.30 2.97
C ASN B 555 20.94 -26.97 4.34
N PHE B 556 19.82 -26.72 5.03
CA PHE B 556 19.58 -27.32 6.33
C PHE B 556 18.78 -28.61 6.18
N VAL B 557 19.38 -29.74 6.55
CA VAL B 557 18.73 -31.03 6.51
C VAL B 557 18.97 -31.74 7.83
N THR B 558 17.93 -32.39 8.35
CA THR B 558 18.08 -33.14 9.58
C THR B 558 18.17 -34.62 9.27
N MET C 1 -12.06 17.10 -6.70
CA MET C 1 -12.83 18.15 -6.05
C MET C 1 -13.42 17.65 -4.75
N GLU C 2 -13.23 18.41 -3.68
CA GLU C 2 -13.72 18.05 -2.36
C GLU C 2 -14.86 18.95 -1.95
N HIS C 3 -15.72 18.43 -1.09
CA HIS C 3 -16.86 19.16 -0.59
C HIS C 3 -16.73 19.33 0.91
N LEU C 4 -17.42 20.32 1.46
CA LEU C 4 -17.44 20.55 2.88
C LEU C 4 -18.75 20.04 3.44
N TYR C 5 -18.67 19.05 4.32
CA TYR C 5 -19.84 18.46 4.95
C TYR C 5 -19.89 18.89 6.41
N ILE C 6 -21.10 19.13 6.89
CA ILE C 6 -21.35 19.43 8.29
C ILE C 6 -22.19 18.29 8.84
N VAL C 7 -21.71 17.68 9.92
CA VAL C 7 -22.35 16.49 10.48
C VAL C 7 -22.76 16.80 11.91
N SER C 8 -24.04 16.58 12.22
CA SER C 8 -24.55 16.86 13.55
C SER C 8 -25.40 15.70 14.01
N TYR C 9 -25.24 15.28 15.26
CA TYR C 9 -25.87 14.05 15.70
C TYR C 9 -26.56 14.22 17.05
N ASP C 10 -27.54 13.36 17.27
CA ASP C 10 -28.14 13.10 18.57
C ASP C 10 -28.06 11.60 18.78
N ILE C 11 -27.35 11.19 19.83
CA ILE C 11 -27.09 9.79 20.11
C ILE C 11 -27.61 9.49 21.50
N ARG C 12 -28.43 8.46 21.62
CA ARG C 12 -29.13 8.18 22.87
C ARG C 12 -28.56 6.98 23.60
N ASN C 13 -27.25 6.77 23.54
CA ASN C 13 -26.60 5.70 24.29
C ASN C 13 -25.12 6.00 24.34
N GLN C 14 -24.58 6.08 25.56
CA GLN C 14 -23.25 6.64 25.72
C GLN C 14 -22.21 5.82 25.00
N ARG C 15 -22.39 4.50 24.93
CA ARG C 15 -21.46 3.67 24.18
C ARG C 15 -21.47 4.00 22.71
N ARG C 16 -22.65 4.10 22.13
CA ARG C 16 -22.72 4.51 20.73
C ARG C 16 -22.16 5.90 20.54
N TRP C 17 -22.32 6.78 21.53
CA TRP C 17 -21.73 8.09 21.41
C TRP C 17 -20.22 8.01 21.36
N ARG C 18 -19.62 7.18 22.21
CA ARG C 18 -18.17 7.02 22.16
C ARG C 18 -17.74 6.50 20.81
N ARG C 19 -18.47 5.52 20.30
CA ARG C 19 -18.16 4.92 19.02
C ARG C 19 -18.21 5.97 17.91
N LEU C 20 -19.20 6.85 17.98
CA LEU C 20 -19.36 7.84 16.93
C LEU C 20 -18.36 8.98 17.07
N PHE C 21 -18.00 9.35 18.29
CA PHE C 21 -17.00 10.40 18.46
C PHE C 21 -15.64 9.92 17.99
N LYS C 22 -15.30 8.69 18.35
CA LYS C 22 -14.26 7.89 17.71
C LYS C 22 -14.24 8.14 16.21
N THR C 23 -15.28 7.66 15.54
CA THR C 23 -15.29 7.66 14.08
C THR C 23 -15.19 9.06 13.52
N MET C 24 -15.84 10.03 14.17
CA MET C 24 -15.94 11.36 13.58
C MET C 24 -14.61 12.09 13.69
N HIS C 25 -13.90 11.98 14.81
CA HIS C 25 -12.52 12.44 14.81
C HIS C 25 -11.69 11.72 13.75
N GLY C 26 -12.09 10.49 13.40
CA GLY C 26 -11.43 9.90 12.24
C GLY C 26 -11.56 10.69 10.96
N PHE C 27 -12.62 11.48 10.81
CA PHE C 27 -12.99 12.05 9.51
C PHE C 27 -12.91 13.56 9.43
N GLY C 28 -13.46 14.27 10.40
CA GLY C 28 -13.46 15.72 10.32
C GLY C 28 -12.96 16.39 11.58
N CYS C 29 -13.24 17.66 11.76
CA CYS C 29 -12.76 18.41 12.92
C CYS C 29 -13.94 18.99 13.68
N TRP C 30 -13.82 19.02 14.99
CA TRP C 30 -14.89 19.50 15.86
C TRP C 30 -15.23 20.94 15.53
N LEU C 31 -16.53 21.25 15.50
CA LEU C 31 -17.01 22.58 15.22
C LEU C 31 -17.87 23.14 16.34
N GLN C 32 -18.83 22.37 16.82
CA GLN C 32 -19.80 22.83 17.79
C GLN C 32 -20.06 21.69 18.76
N LEU C 33 -20.99 21.88 19.69
CA LEU C 33 -21.08 20.94 20.80
C LEU C 33 -21.44 19.54 20.34
N SER C 34 -22.13 19.39 19.22
CA SER C 34 -22.30 18.06 18.67
C SER C 34 -22.22 18.08 17.17
N VAL C 35 -21.32 18.90 16.64
CA VAL C 35 -21.24 19.13 15.20
C VAL C 35 -19.79 19.01 14.77
N PHE C 36 -19.56 18.34 13.65
CA PHE C 36 -18.25 18.22 13.05
C PHE C 36 -18.29 18.79 11.65
N GLN C 37 -17.21 19.43 11.23
CA GLN C 37 -17.06 19.85 9.85
C GLN C 37 -16.07 18.93 9.18
N CYS C 38 -16.44 18.38 8.02
CA CYS C 38 -15.61 17.43 7.32
C CYS C 38 -15.37 17.94 5.91
N ARG C 39 -14.11 17.90 5.47
CA ARG C 39 -13.74 18.24 4.11
C ARG C 39 -13.36 16.95 3.41
N LEU C 40 -14.27 16.39 2.63
CA LEU C 40 -14.05 15.08 2.06
C LEU C 40 -14.30 15.07 0.57
N ASP C 41 -13.55 14.23 -0.13
CA ASP C 41 -13.82 13.89 -1.50
C ASP C 41 -14.81 12.73 -1.52
N ARG C 42 -14.97 12.08 -2.68
CA ARG C 42 -16.03 11.10 -2.82
C ARG C 42 -15.73 9.81 -2.06
N ILE C 43 -14.50 9.32 -2.17
CA ILE C 43 -14.18 8.07 -1.50
C ILE C 43 -14.43 8.19 -0.01
N ARG C 44 -14.02 9.31 0.57
CA ARG C 44 -14.15 9.45 2.01
C ARG C 44 -15.58 9.71 2.45
N ILE C 45 -16.40 10.36 1.63
CA ILE C 45 -17.80 10.49 2.03
C ILE C 45 -18.49 9.13 2.00
N ILE C 46 -18.15 8.29 1.02
CA ILE C 46 -18.68 6.94 1.01
C ILE C 46 -18.26 6.22 2.28
N LYS C 47 -16.99 6.33 2.64
CA LYS C 47 -16.53 5.73 3.89
C LYS C 47 -17.30 6.25 5.10
N MET C 48 -17.53 7.55 5.16
CA MET C 48 -18.18 8.08 6.36
C MET C 48 -19.60 7.59 6.48
N GLU C 49 -20.36 7.64 5.39
CA GLU C 49 -21.74 7.16 5.48
C GLU C 49 -21.78 5.65 5.68
N ALA C 50 -20.75 4.93 5.26
CA ALA C 50 -20.70 3.51 5.58
C ALA C 50 -20.51 3.31 7.07
N ALA C 51 -19.62 4.09 7.68
CA ALA C 51 -19.36 3.95 9.11
C ALA C 51 -20.59 4.33 9.93
N ILE C 52 -21.18 5.47 9.61
CA ILE C 52 -22.37 5.86 10.36
C ILE C 52 -23.57 5.28 9.63
N ASN C 53 -23.68 3.97 9.65
CA ASN C 53 -24.94 3.30 9.40
C ASN C 53 -24.87 2.05 10.24
N GLU C 54 -23.71 1.87 10.84
CA GLU C 54 -23.45 0.77 11.74
C GLU C 54 -23.01 1.23 13.10
N ILE C 55 -22.46 2.44 13.22
CA ILE C 55 -22.24 2.99 14.55
C ILE C 55 -23.58 3.24 15.24
N VAL C 56 -24.53 3.84 14.53
CA VAL C 56 -25.75 4.33 15.14
C VAL C 56 -26.83 3.27 15.12
N ASN C 57 -27.86 3.47 15.93
CA ASN C 57 -29.05 2.65 15.95
C ASN C 57 -30.16 3.41 15.24
N HIS C 58 -30.59 2.90 14.09
CA HIS C 58 -31.54 3.64 13.27
C HIS C 58 -32.88 3.86 13.94
N ALA C 59 -33.17 3.14 15.01
CA ALA C 59 -34.49 3.26 15.63
C ALA C 59 -34.65 4.60 16.33
N GLU C 60 -33.63 5.05 17.06
CA GLU C 60 -33.79 6.23 17.90
C GLU C 60 -32.68 7.27 17.81
N ASP C 61 -31.60 7.02 17.11
CA ASP C 61 -30.59 8.06 16.95
C ASP C 61 -30.92 8.93 15.75
N HIS C 62 -30.14 9.99 15.57
CA HIS C 62 -30.38 10.88 14.45
C HIS C 62 -29.06 11.52 14.06
N VAL C 63 -28.58 11.24 12.86
CA VAL C 63 -27.38 11.88 12.35
C VAL C 63 -27.74 12.61 11.06
N LEU C 64 -27.28 13.84 10.95
CA LEU C 64 -27.61 14.71 9.82
C LEU C 64 -26.33 15.12 9.14
N ILE C 65 -26.30 14.97 7.81
CA ILE C 65 -25.12 15.25 7.02
C ILE C 65 -25.51 16.27 5.95
N LEU C 66 -24.89 17.44 6.01
CA LEU C 66 -25.22 18.53 5.11
C LEU C 66 -24.05 18.78 4.17
N ASP C 67 -24.32 18.82 2.89
CA ASP C 67 -23.30 19.04 1.87
C ASP C 67 -23.34 20.52 1.50
N LEU C 68 -22.47 21.31 2.11
CA LEU C 68 -22.55 22.76 1.91
C LEU C 68 -22.19 23.14 0.47
N GLY C 69 -21.08 22.66 -0.03
CA GLY C 69 -20.64 23.04 -1.35
C GLY C 69 -19.28 22.49 -1.71
N PRO C 70 -18.62 23.11 -2.69
CA PRO C 70 -17.34 22.60 -3.17
C PRO C 70 -16.14 22.97 -2.33
N ALA C 71 -16.33 23.41 -1.08
CA ALA C 71 -15.27 23.53 -0.11
C ALA C 71 -14.25 24.62 -0.47
N GLU C 72 -14.39 25.21 -1.64
CA GLU C 72 -13.63 26.40 -1.99
C GLU C 72 -14.46 27.66 -1.82
N ASN C 73 -15.77 27.52 -1.85
CA ASN C 73 -16.69 28.64 -1.87
C ASN C 73 -17.66 28.53 -0.71
N VAL C 74 -17.23 27.89 0.36
CA VAL C 74 -18.14 27.65 1.48
C VAL C 74 -18.29 28.90 2.34
N LYS C 75 -17.29 29.77 2.37
CA LYS C 75 -17.31 30.91 3.29
C LYS C 75 -18.53 31.80 3.10
N PRO C 76 -19.00 32.12 1.89
CA PRO C 76 -20.26 32.85 1.78
C PRO C 76 -21.46 32.08 2.29
N LYS C 77 -21.36 30.77 2.44
CA LYS C 77 -22.50 29.96 2.83
C LYS C 77 -22.62 29.77 4.34
N VAL C 78 -21.60 30.14 5.11
CA VAL C 78 -21.61 29.91 6.55
C VAL C 78 -21.40 31.24 7.25
N SER C 79 -22.29 31.54 8.19
CA SER C 79 -22.21 32.75 9.00
C SER C 79 -22.25 32.33 10.46
N SER C 80 -21.19 32.63 11.20
CA SER C 80 -21.08 32.28 12.60
C SER C 80 -21.20 33.53 13.45
N ILE C 81 -21.94 33.43 14.54
CA ILE C 81 -22.27 34.60 15.35
C ILE C 81 -21.37 34.69 16.57
N GLY C 82 -20.95 33.55 17.09
CA GLY C 82 -20.09 33.58 18.26
C GLY C 82 -18.64 33.54 17.88
N LYS C 83 -18.03 32.37 18.02
CA LYS C 83 -16.65 32.18 17.61
C LYS C 83 -16.51 32.44 16.11
N THR C 84 -15.27 32.49 15.66
CA THR C 84 -15.00 32.56 14.24
C THR C 84 -15.29 31.21 13.60
N PHE C 85 -15.58 31.24 12.31
CA PHE C 85 -15.69 30.04 11.51
C PHE C 85 -14.55 30.03 10.50
N ASP C 86 -13.81 28.92 10.46
CA ASP C 86 -12.71 28.76 9.54
C ASP C 86 -12.70 27.35 8.94
N PRO C 87 -12.91 27.20 7.65
CA PRO C 87 -13.08 25.87 7.07
C PRO C 87 -11.79 25.06 7.16
N ILE C 88 -11.95 23.75 7.04
CA ILE C 88 -10.79 22.87 7.03
C ILE C 88 -9.95 23.16 5.80
N LEU C 89 -8.65 23.32 6.00
CA LEU C 89 -7.72 23.62 4.92
C LEU C 89 -6.93 22.36 4.60
N ARG C 90 -6.76 22.10 3.30
CA ARG C 90 -6.01 20.93 2.84
C ARG C 90 -4.56 21.32 2.66
N GLN C 91 -3.75 21.13 3.70
CA GLN C 91 -2.31 21.33 3.65
C GLN C 91 -1.65 20.36 4.61
N ALA C 92 -0.40 20.05 4.36
CA ALA C 92 0.31 19.12 5.20
C ALA C 92 0.47 19.68 6.60
N VAL C 93 0.91 18.82 7.52
CA VAL C 93 1.18 19.23 8.89
C VAL C 93 2.69 19.25 9.07
N ILE C 94 3.23 20.46 9.22
CA ILE C 94 4.67 20.65 9.17
C ILE C 94 5.30 20.44 10.54
N VAL C 95 4.53 20.59 11.62
CA VAL C 95 5.09 20.60 12.97
C VAL C 95 5.67 19.27 13.41
N MET D 1 -37.45 34.25 -4.27
CA MET D 1 -36.74 33.00 -4.06
C MET D 1 -36.32 32.87 -2.61
N GLU D 2 -36.61 31.72 -2.01
CA GLU D 2 -36.29 31.48 -0.62
C GLU D 2 -35.18 30.44 -0.51
N HIS D 3 -34.44 30.51 0.58
CA HIS D 3 -33.34 29.60 0.84
C HIS D 3 -33.65 28.80 2.10
N LEU D 4 -33.01 27.65 2.24
CA LEU D 4 -33.15 26.83 3.42
C LEU D 4 -31.92 27.00 4.29
N TYR D 5 -32.12 27.52 5.49
CA TYR D 5 -31.05 27.74 6.45
C TYR D 5 -31.15 26.73 7.57
N ILE D 6 -30.00 26.27 8.03
CA ILE D 6 -29.90 25.38 9.17
C ILE D 6 -29.16 26.14 10.26
N VAL D 7 -29.76 26.24 11.43
CA VAL D 7 -29.22 27.06 12.52
C VAL D 7 -28.97 26.15 13.71
N SER D 8 -27.75 26.17 14.22
CA SER D 8 -27.37 25.32 15.35
C SER D 8 -26.59 26.15 16.36
N TYR D 9 -26.91 26.00 17.64
CA TYR D 9 -26.36 26.89 18.64
C TYR D 9 -25.84 26.13 19.84
N ASP D 10 -24.90 26.79 20.52
CA ASP D 10 -24.45 26.43 21.86
C ASP D 10 -24.59 27.71 22.69
N ILE D 11 -25.41 27.65 23.72
CA ILE D 11 -25.73 28.80 24.55
C ILE D 11 -25.38 28.45 25.99
N ARG D 12 -24.60 29.29 26.63
CA ARG D 12 -24.05 28.99 27.95
C ARG D 12 -24.72 29.78 29.07
N ASN D 13 -26.02 30.05 28.94
CA ASN D 13 -26.76 30.71 30.00
C ASN D 13 -28.24 30.46 29.75
N GLN D 14 -28.91 29.89 30.75
CA GLN D 14 -30.24 29.36 30.50
C GLN D 14 -31.21 30.45 30.10
N ARG D 15 -31.04 31.67 30.62
CA ARG D 15 -31.90 32.77 30.22
C ARG D 15 -31.71 33.10 28.76
N ARG D 16 -30.47 33.22 28.32
CA ARG D 16 -30.23 33.45 26.90
C ARG D 16 -30.74 32.29 26.07
N TRP D 17 -30.68 31.07 26.60
CA TRP D 17 -31.23 29.95 25.85
C TRP D 17 -32.73 30.11 25.68
N ARG D 18 -33.44 30.51 26.73
CA ARG D 18 -34.88 30.72 26.59
C ARG D 18 -35.16 31.79 25.56
N ARG D 19 -34.39 32.87 25.61
CA ARG D 19 -34.57 33.97 24.68
C ARG D 19 -34.36 33.50 23.25
N LEU D 20 -33.37 32.64 23.03
CA LEU D 20 -33.08 32.19 21.69
C LEU D 20 -34.06 31.13 21.22
N PHE D 21 -34.56 30.29 22.11
CA PHE D 21 -35.55 29.30 21.70
C PHE D 21 -36.85 29.98 21.33
N LYS D 22 -37.25 30.95 22.15
CA LYS D 22 -38.23 31.98 21.80
C LYS D 22 -38.08 32.40 20.34
N THR D 23 -36.97 33.09 20.06
CA THR D 23 -36.80 33.72 18.76
C THR D 23 -36.80 32.69 17.65
N MET D 24 -36.20 31.52 17.88
CA MET D 24 -36.03 30.57 16.80
C MET D 24 -37.36 29.92 16.43
N HIS D 25 -38.18 29.56 17.40
CA HIS D 25 -39.55 29.19 17.05
C HIS D 25 -40.26 30.32 16.33
N GLY D 26 -39.84 31.56 16.57
CA GLY D 26 -40.37 32.63 15.73
C GLY D 26 -40.08 32.46 14.24
N PHE D 27 -39.00 31.77 13.88
CA PHE D 27 -38.47 31.80 12.52
C PHE D 27 -38.52 30.48 11.79
N GLY D 28 -38.08 29.39 12.41
CA GLY D 28 -38.04 28.12 11.72
C GLY D 28 -38.67 27.00 12.51
N CYS D 29 -38.39 25.76 12.15
CA CYS D 29 -38.99 24.62 12.80
C CYS D 29 -37.89 23.71 13.36
N TRP D 30 -38.17 23.13 14.52
CA TRP D 30 -37.20 22.28 15.21
C TRP D 30 -36.79 21.12 14.33
N LEU D 31 -35.49 20.81 14.32
CA LEU D 31 -34.96 19.71 13.54
C LEU D 31 -34.22 18.69 14.39
N GLN D 32 -33.34 19.15 15.27
CA GLN D 32 -32.48 18.28 16.05
C GLN D 32 -32.35 18.89 17.43
N LEU D 33 -31.53 18.28 18.28
CA LEU D 33 -31.59 18.65 19.69
C LEU D 33 -31.20 20.10 19.93
N SER D 34 -30.38 20.68 19.07
CA SER D 34 -30.18 22.13 19.18
C SER D 34 -30.09 22.75 17.81
N VAL D 35 -30.91 22.27 16.87
CA VAL D 35 -30.83 22.68 15.48
C VAL D 35 -32.22 23.02 14.98
N PHE D 36 -32.32 24.13 14.25
CA PHE D 36 -33.56 24.53 13.62
C PHE D 36 -33.35 24.62 12.13
N GLN D 37 -34.36 24.26 11.35
CA GLN D 37 -34.34 24.48 9.92
C GLN D 37 -35.27 25.64 9.60
N CYS D 38 -34.77 26.61 8.84
CA CYS D 38 -35.54 27.80 8.53
C CYS D 38 -35.60 27.95 7.02
N ARG D 39 -36.79 28.22 6.51
CA ARG D 39 -37.00 28.51 5.09
C ARG D 39 -37.33 29.99 4.99
N LEU D 40 -36.35 30.80 4.63
CA LEU D 40 -36.51 32.24 4.67
C LEU D 40 -36.10 32.88 3.36
N ASP D 41 -36.78 33.96 3.02
CA ASP D 41 -36.36 34.85 1.96
C ASP D 41 -35.39 35.88 2.55
N ARG D 42 -35.11 36.94 1.81
CA ARG D 42 -34.05 37.86 2.22
C ARG D 42 -34.46 38.70 3.42
N ILE D 43 -35.68 39.24 3.42
CA ILE D 43 -36.10 40.09 4.52
C ILE D 43 -36.02 39.33 5.83
N ARG D 44 -36.47 38.08 5.82
CA ARG D 44 -36.51 37.33 7.05
C ARG D 44 -35.13 36.85 7.49
N ILE D 45 -34.20 36.60 6.57
CA ILE D 45 -32.86 36.27 7.03
C ILE D 45 -32.21 37.48 7.66
N ILE D 46 -32.44 38.66 7.10
CA ILE D 46 -31.93 39.87 7.75
C ILE D 46 -32.51 40.00 9.15
N LYS D 47 -33.82 39.77 9.28
CA LYS D 47 -34.42 39.81 10.61
C LYS D 47 -33.79 38.79 11.55
N MET D 48 -33.54 37.57 11.07
CA MET D 48 -33.02 36.56 11.99
C MET D 48 -31.64 36.91 12.46
N GLU D 49 -30.75 37.31 11.55
CA GLU D 49 -29.41 37.65 11.99
C GLU D 49 -29.41 38.91 12.83
N ALA D 50 -30.41 39.79 12.65
CA ALA D 50 -30.51 40.92 13.55
C ALA D 50 -30.89 40.48 14.95
N ALA D 51 -31.81 39.54 15.06
CA ALA D 51 -32.24 39.06 16.36
C ALA D 51 -31.10 38.33 17.06
N ILE D 52 -30.46 37.41 16.36
CA ILE D 52 -29.37 36.70 16.99
C ILE D 52 -28.09 37.49 16.72
N ASN D 53 -28.01 38.67 17.31
CA ASN D 53 -26.75 39.33 17.52
C ASN D 53 -26.92 40.10 18.80
N GLU D 54 -28.16 40.05 19.30
CA GLU D 54 -28.53 40.66 20.55
C GLU D 54 -29.13 39.67 21.52
N ILE D 55 -29.66 38.55 21.04
CA ILE D 55 -30.02 37.48 21.97
C ILE D 55 -28.77 36.93 22.62
N VAL D 56 -27.74 36.65 21.83
CA VAL D 56 -26.58 35.91 22.30
C VAL D 56 -25.52 36.83 22.86
N ASN D 57 -24.59 36.27 23.62
CA ASN D 57 -23.43 36.97 24.12
C ASN D 57 -22.23 36.54 23.28
N HIS D 58 -21.67 37.48 22.52
CA HIS D 58 -20.64 37.14 21.57
C HIS D 58 -19.38 36.61 22.23
N ALA D 59 -19.22 36.79 23.53
CA ALA D 59 -17.98 36.36 24.18
C ALA D 59 -17.88 34.85 24.25
N GLU D 60 -18.97 34.16 24.58
CA GLU D 60 -18.88 32.72 24.85
C GLU D 60 -19.96 31.87 24.21
N ASP D 61 -20.96 32.43 23.57
CA ASP D 61 -21.92 31.60 22.87
C ASP D 61 -21.44 31.32 21.46
N HIS D 62 -22.18 30.46 20.76
CA HIS D 62 -21.80 30.13 19.38
C HIS D 62 -23.06 29.77 18.61
N VAL D 63 -23.39 30.55 17.60
CA VAL D 63 -24.51 30.24 16.73
C VAL D 63 -24.00 30.12 15.31
N LEU D 64 -24.42 29.07 14.62
CA LEU D 64 -23.95 28.76 13.29
C LEU D 64 -25.13 28.74 12.34
N ILE D 65 -25.02 29.45 11.23
CA ILE D 65 -26.09 29.58 10.25
C ILE D 65 -25.56 29.10 8.91
N LEU D 66 -26.16 28.04 8.38
CA LEU D 66 -25.72 27.42 7.15
C LEU D 66 -26.77 27.65 6.08
N ASP D 67 -26.35 28.15 4.93
CA ASP D 67 -27.24 28.43 3.81
C ASP D 67 -27.13 27.26 2.86
N LEU D 68 -28.05 26.30 2.96
CA LEU D 68 -27.93 25.09 2.17
C LEU D 68 -28.11 25.37 0.68
N GLY D 69 -29.17 26.06 0.31
CA GLY D 69 -29.45 26.29 -1.09
C GLY D 69 -30.76 26.99 -1.33
N PRO D 70 -31.29 26.88 -2.54
CA PRO D 70 -32.52 27.59 -2.90
C PRO D 70 -33.80 26.93 -2.43
N ALA D 71 -33.75 26.00 -1.49
CA ALA D 71 -34.92 25.50 -0.78
C ALA D 71 -35.86 24.72 -1.69
N GLU D 72 -35.58 24.68 -2.99
CA GLU D 72 -36.27 23.77 -3.89
C GLU D 72 -35.46 22.54 -4.18
N ASN D 73 -34.15 22.63 -4.01
CA ASN D 73 -33.21 21.60 -4.40
C ASN D 73 -32.38 21.17 -3.21
N VAL D 74 -32.94 21.31 -2.02
CA VAL D 74 -32.18 21.00 -0.82
C VAL D 74 -32.10 19.50 -0.57
N LYS D 75 -33.09 18.74 -1.04
CA LYS D 75 -33.15 17.32 -0.70
C LYS D 75 -31.90 16.55 -1.11
N PRO D 76 -31.29 16.77 -2.28
CA PRO D 76 -30.00 16.10 -2.56
C PRO D 76 -28.90 16.54 -1.63
N LYS D 77 -29.03 17.67 -0.95
CA LYS D 77 -27.96 18.19 -0.11
C LYS D 77 -28.02 17.71 1.32
N VAL D 78 -29.11 17.08 1.74
CA VAL D 78 -29.27 16.67 3.13
C VAL D 78 -29.53 15.17 3.17
N SER D 79 -28.75 14.46 3.97
CA SER D 79 -28.91 13.04 4.18
C SER D 79 -29.04 12.78 5.66
N SER D 80 -30.18 12.22 6.07
CA SER D 80 -30.45 11.94 7.47
C SER D 80 -30.42 10.45 7.71
N ILE D 81 -29.80 10.05 8.82
CA ILE D 81 -29.54 8.64 9.07
C ILE D 81 -30.58 8.05 10.01
N GLY D 82 -31.08 8.87 10.93
CA GLY D 82 -32.07 8.37 11.87
C GLY D 82 -33.47 8.62 11.39
N LYS D 83 -34.11 9.64 11.94
CA LYS D 83 -35.43 10.03 11.50
C LYS D 83 -35.40 10.45 10.04
N THR D 84 -36.58 10.64 9.48
CA THR D 84 -36.67 11.19 8.15
C THR D 84 -36.33 12.68 8.18
N PHE D 85 -35.89 13.20 7.04
CA PHE D 85 -35.73 14.63 6.86
C PHE D 85 -36.73 15.11 5.83
N ASP D 86 -37.48 16.15 6.19
CA ASP D 86 -38.48 16.73 5.31
C ASP D 86 -38.44 18.25 5.39
N PRO D 87 -38.09 18.93 4.31
CA PRO D 87 -37.87 20.38 4.39
C PRO D 87 -39.18 21.11 4.67
N ILE D 88 -39.03 22.35 5.14
CA ILE D 88 -40.19 23.19 5.40
C ILE D 88 -40.88 23.47 4.08
N LEU D 89 -42.19 23.29 4.04
CA LEU D 89 -42.99 23.52 2.85
C LEU D 89 -43.77 24.82 3.01
N ARG D 90 -43.79 25.63 1.95
CA ARG D 90 -44.50 26.89 1.96
C ARG D 90 -45.90 26.67 1.45
N GLN D 91 -46.83 26.43 2.38
CA GLN D 91 -48.25 26.32 2.09
C GLN D 91 -49.03 26.81 3.30
FE1 SF4 G . -8.34 -1.08 -18.83
FE2 SF4 G . -6.83 0.95 -19.81
FE3 SF4 G . -8.49 1.41 -17.71
FE4 SF4 G . -9.52 0.96 -20.19
S1 SF4 G . -8.23 2.72 -19.54
S2 SF4 G . -10.23 0.04 -18.25
S3 SF4 G . -8.04 -0.56 -21.01
S4 SF4 G . -6.68 0.04 -17.75
MN MN H . 24.14 14.72 -10.42
MN MN I . 7.03 -28.29 -4.59
MN MN J . -26.14 16.77 18.39
MN MN K . -26.17 22.68 20.43
MN MN L . -21.15 -9.30 -6.03
#